data_1HM1
# 
_entry.id   1HM1 
# 
_audit_conform.dict_name       mmcif_pdbx.dic 
_audit_conform.dict_version    5.392 
_audit_conform.dict_location   http://mmcif.pdb.org/dictionaries/ascii/mmcif_pdbx.dic 
# 
loop_
_database_2.database_id 
_database_2.database_code 
_database_2.pdbx_database_accession 
_database_2.pdbx_DOI 
PDB   1HM1         pdb_00001hm1 10.2210/pdb1hm1/pdb 
WWPDB D_1000173906 ?            ?                   
# 
loop_
_pdbx_audit_revision_history.ordinal 
_pdbx_audit_revision_history.data_content_type 
_pdbx_audit_revision_history.major_revision 
_pdbx_audit_revision_history.minor_revision 
_pdbx_audit_revision_history.revision_date 
1 'Structure model' 1 0 1998-10-14 
2 'Structure model' 1 1 2008-03-24 
3 'Structure model' 1 2 2011-07-13 
4 'Structure model' 1 3 2022-02-23 
5 'Structure model' 1 4 2024-05-22 
# 
_pdbx_audit_revision_details.ordinal             1 
_pdbx_audit_revision_details.revision_ordinal    1 
_pdbx_audit_revision_details.data_content_type   'Structure model' 
_pdbx_audit_revision_details.provider            repository 
_pdbx_audit_revision_details.type                'Initial release' 
_pdbx_audit_revision_details.description         ? 
_pdbx_audit_revision_details.details             ? 
# 
loop_
_pdbx_audit_revision_group.ordinal 
_pdbx_audit_revision_group.revision_ordinal 
_pdbx_audit_revision_group.data_content_type 
_pdbx_audit_revision_group.group 
1 2 'Structure model' 'Version format compliance' 
2 3 'Structure model' 'Version format compliance' 
3 4 'Structure model' 'Data collection'           
4 4 'Structure model' 'Database references'       
5 4 'Structure model' 'Derived calculations'      
6 4 'Structure model' Other                       
7 5 'Structure model' 'Data collection'           
# 
loop_
_pdbx_audit_revision_category.ordinal 
_pdbx_audit_revision_category.revision_ordinal 
_pdbx_audit_revision_category.data_content_type 
_pdbx_audit_revision_category.category 
1 4 'Structure model' database_2            
2 4 'Structure model' pdbx_database_status  
3 4 'Structure model' pdbx_nmr_software     
4 4 'Structure model' pdbx_struct_assembly  
5 4 'Structure model' pdbx_struct_oper_list 
6 4 'Structure model' struct_conn           
7 5 'Structure model' chem_comp_atom        
8 5 'Structure model' chem_comp_bond        
# 
loop_
_pdbx_audit_revision_item.ordinal 
_pdbx_audit_revision_item.revision_ordinal 
_pdbx_audit_revision_item.data_content_type 
_pdbx_audit_revision_item.item 
1  4 'Structure model' '_database_2.pdbx_DOI'                
2  4 'Structure model' '_database_2.pdbx_database_accession' 
3  4 'Structure model' '_pdbx_database_status.process_site'  
4  4 'Structure model' '_pdbx_nmr_software.name'             
5  4 'Structure model' '_struct_conn.pdbx_leaving_atom_flag' 
6  4 'Structure model' '_struct_conn.ptnr1_auth_comp_id'     
7  4 'Structure model' '_struct_conn.ptnr1_auth_seq_id'      
8  4 'Structure model' '_struct_conn.ptnr1_label_atom_id'    
9  4 'Structure model' '_struct_conn.ptnr1_label_comp_id'    
10 4 'Structure model' '_struct_conn.ptnr1_label_seq_id'     
11 4 'Structure model' '_struct_conn.ptnr2_auth_comp_id'     
12 4 'Structure model' '_struct_conn.ptnr2_auth_seq_id'      
13 4 'Structure model' '_struct_conn.ptnr2_label_atom_id'    
14 4 'Structure model' '_struct_conn.ptnr2_label_comp_id'    
15 4 'Structure model' '_struct_conn.ptnr2_label_seq_id'     
# 
_pdbx_database_status.status_code                     REL 
_pdbx_database_status.entry_id                        1HM1 
_pdbx_database_status.recvd_initial_deposition_date   1998-05-11 
_pdbx_database_status.deposit_site                    ? 
_pdbx_database_status.process_site                    BNL 
_pdbx_database_status.status_code_sf                  ? 
_pdbx_database_status.status_code_mr                  REL 
_pdbx_database_status.SG_entry                        ? 
_pdbx_database_status.pdb_format_compatible           Y 
_pdbx_database_status.status_code_cs                  ? 
_pdbx_database_status.status_code_nmr_data            ? 
_pdbx_database_status.methods_development_category    ? 
# 
loop_
_audit_author.name 
_audit_author.pdbx_ordinal 
'Mao, H.'      1 
'Deng, Z.'     2 
'Wang, F.'     3 
'Harris, T.M.' 4 
'Stone, M.P.'  5 
# 
_citation.id                        primary 
_citation.title                     
'An intercalated and thermally stable FAPY adduct of aflatoxin B1 in a DNA duplex: structural refinement from 1H NMR.' 
_citation.journal_abbrev            Biochemistry 
_citation.journal_volume            37 
_citation.page_first                4374 
_citation.page_last                 4387 
_citation.year                      1998 
_citation.journal_id_ASTM           BICHAW 
_citation.country                   US 
_citation.journal_id_ISSN           0006-2960 
_citation.journal_id_CSD            0033 
_citation.book_publisher            ? 
_citation.pdbx_database_id_PubMed   9521757 
_citation.pdbx_database_id_DOI      10.1021/bi9718292 
# 
loop_
_citation_author.citation_id 
_citation_author.name 
_citation_author.ordinal 
_citation_author.identifier_ORCID 
primary 'Mao, H.'      1 ? 
primary 'Deng, Z.'     2 ? 
primary 'Wang, F.'     3 ? 
primary 'Harris, T.M.' 4 ? 
primary 'Stone, M.P.'  5 ? 
# 
loop_
_entity.id 
_entity.type 
_entity.src_method 
_entity.pdbx_description 
_entity.formula_weight 
_entity.pdbx_number_of_molecules 
_entity.pdbx_ec 
_entity.pdbx_mutation 
_entity.pdbx_fragment 
_entity.details 
1 polymer syn 
;DNA (5'-D(*CP*TP*AP*TP*(FAG)P*AP*TP*TP*CP*A)-3')
;
3365.292 1 ? ? ? 'CHAIN A, GUA 5 -> FAG, FAPY ADDUCT OF' 
2 polymer syn 
;DNA (5'-D(TP*GP*AP*AP*TP*CP*AP*TP*AP*G)-3')
;
3068.042 1 ? ? ? ?                                       
# 
loop_
_entity_poly.entity_id 
_entity_poly.type 
_entity_poly.nstd_linkage 
_entity_poly.nstd_monomer 
_entity_poly.pdbx_seq_one_letter_code 
_entity_poly.pdbx_seq_one_letter_code_can 
_entity_poly.pdbx_strand_id 
_entity_poly.pdbx_target_identifier 
1 polydeoxyribonucleotide no yes '(DC)(DT)(DA)(DT)(FAG)(DA)(DT)(DT)(DC)(DA)' CTATNATTCA A ? 
2 polydeoxyribonucleotide no no  '(DT)(DG)(DA)(DA)(DT)(DC)(DA)(DT)(DA)(DG)'  TGAATCATAG B ? 
# 
loop_
_entity_poly_seq.entity_id 
_entity_poly_seq.num 
_entity_poly_seq.mon_id 
_entity_poly_seq.hetero 
1 1  DC  n 
1 2  DT  n 
1 3  DA  n 
1 4  DT  n 
1 5  FAG n 
1 6  DA  n 
1 7  DT  n 
1 8  DT  n 
1 9  DC  n 
1 10 DA  n 
2 1  DT  n 
2 2  DG  n 
2 3  DA  n 
2 4  DA  n 
2 5  DT  n 
2 6  DC  n 
2 7  DA  n 
2 8  DT  n 
2 9  DA  n 
2 10 DG  n 
# 
loop_
_chem_comp.id 
_chem_comp.type 
_chem_comp.mon_nstd_flag 
_chem_comp.name 
_chem_comp.pdbx_synonyms 
_chem_comp.formula 
_chem_comp.formula_weight 
DA  'DNA linking' y "2'-DEOXYADENOSINE-5'-MONOPHOSPHATE" ? 'C10 H14 N5 O6 P'  331.222 
DC  'DNA linking' y "2'-DEOXYCYTIDINE-5'-MONOPHOSPHATE" ? 'C9 H14 N3 O7 P'   307.197 
DG  'DNA linking' y "2'-DEOXYGUANOSINE-5'-MONOPHOSPHATE" ? 'C10 H14 N5 O7 P'  347.221 
DT  'DNA linking' y "THYMIDINE-5'-MONOPHOSPHATE" ? 'C10 H15 N2 O8 P'  322.208 
FAG 'DNA linking' . 
;[1',2'-DIDEOXY[2-AMINO-5-([9-HYDROXY-AFLATOXINB2-8-YL]-FORMYL-AMINO)-6-OXO-1,6-IHYDRO-PYRIMIDIN-4-YLAMINO]-RIBOFURANOSE]-5-MONOPHOSPHATE GROUP
;
? 'C27 H28 N5 O15 P' 693.509 
# 
loop_
_pdbx_poly_seq_scheme.asym_id 
_pdbx_poly_seq_scheme.entity_id 
_pdbx_poly_seq_scheme.seq_id 
_pdbx_poly_seq_scheme.mon_id 
_pdbx_poly_seq_scheme.ndb_seq_num 
_pdbx_poly_seq_scheme.pdb_seq_num 
_pdbx_poly_seq_scheme.auth_seq_num 
_pdbx_poly_seq_scheme.pdb_mon_id 
_pdbx_poly_seq_scheme.auth_mon_id 
_pdbx_poly_seq_scheme.pdb_strand_id 
_pdbx_poly_seq_scheme.pdb_ins_code 
_pdbx_poly_seq_scheme.hetero 
A 1 1  DC  1  1  1  DC  C   A . n 
A 1 2  DT  2  2  2  DT  T   A . n 
A 1 3  DA  3  3  3  DA  A   A . n 
A 1 4  DT  4  4  4  DT  T   A . n 
A 1 5  FAG 5  5  5  FAG FAG A . n 
A 1 6  DA  6  6  6  DA  A   A . n 
A 1 7  DT  7  7  7  DT  T   A . n 
A 1 8  DT  8  8  8  DT  T   A . n 
A 1 9  DC  9  9  9  DC  C   A . n 
A 1 10 DA  10 10 10 DA  A   A . n 
B 2 1  DT  1  11 11 DT  T   B . n 
B 2 2  DG  2  12 12 DG  G   B . n 
B 2 3  DA  3  13 13 DA  A   B . n 
B 2 4  DA  4  14 14 DA  A   B . n 
B 2 5  DT  5  15 15 DT  T   B . n 
B 2 6  DC  6  16 16 DC  C   B . n 
B 2 7  DA  7  17 17 DA  A   B . n 
B 2 8  DT  8  18 18 DT  T   B . n 
B 2 9  DA  9  19 19 DA  A   B . n 
B 2 10 DG  10 20 20 DG  G   B . n 
# 
loop_
_software.name 
_software.classification 
_software.version 
_software.citation_id 
_software.pdbx_ordinal 
X-PLOR 'model building' . ? 1 
X-PLOR refinement       . ? 2 
X-PLOR phasing          . ? 3 
# 
_cell.entry_id           1HM1 
_cell.length_a           1.000 
_cell.length_b           1.000 
_cell.length_c           1.000 
_cell.angle_alpha        90.00 
_cell.angle_beta         90.00 
_cell.angle_gamma        90.00 
_cell.Z_PDB              1 
_cell.pdbx_unique_axis   ? 
# 
_symmetry.entry_id                         1HM1 
_symmetry.space_group_name_H-M             'P 1' 
_symmetry.pdbx_full_space_group_name_H-M   ? 
_symmetry.cell_setting                     ? 
_symmetry.Int_Tables_number                1 
# 
_exptl.entry_id          1HM1 
_exptl.method            'SOLUTION NMR' 
_exptl.crystals_number   ? 
# 
_struct.entry_id                  1HM1 
_struct.title                     
;THE SOLUTION NMR STRUCTURE OF A THERMALLY STABLE FAPY ADDUCT OF AFLATOXIN B1 IN AN OLIGODEOXYNUCLEOTIDE DUPLEX REFINED FROM DISTANCE RESTRAINED MOLECULAR DYNAMICS SIMULATED ANNEALING, MINIMIZED AVERAGE STRUCTURE
;
_struct.pdbx_model_details        ? 
_struct.pdbx_CASP_flag            ? 
_struct.pdbx_model_type_details   ? 
# 
_struct_keywords.entry_id        1HM1 
_struct_keywords.pdbx_keywords   DNA 
_struct_keywords.text            
'AFLATOXIN B1, FAPY, FORMAMIDOPYRIMIDINE, INTERCALATION, DNA DUPLEX, SOLUTION STRUCTURE, DNA ADDUCT, DEOXYRIBONUCLEIC ACID, DNA' 
# 
loop_
_struct_asym.id 
_struct_asym.pdbx_blank_PDB_chainid_flag 
_struct_asym.pdbx_modified 
_struct_asym.entity_id 
_struct_asym.details 
A N N 1 ? 
B N N 2 ? 
# 
loop_
_struct_ref.id 
_struct_ref.entity_id 
_struct_ref.db_name 
_struct_ref.db_code 
_struct_ref.pdbx_db_accession 
_struct_ref.pdbx_db_isoform 
_struct_ref.pdbx_seq_one_letter_code 
_struct_ref.pdbx_align_begin 
1 1 PDB 1HM1 1HM1 ? ? ? 
2 2 PDB 1HM1 1HM1 ? ? ? 
# 
loop_
_struct_ref_seq.align_id 
_struct_ref_seq.ref_id 
_struct_ref_seq.pdbx_PDB_id_code 
_struct_ref_seq.pdbx_strand_id 
_struct_ref_seq.seq_align_beg 
_struct_ref_seq.pdbx_seq_align_beg_ins_code 
_struct_ref_seq.seq_align_end 
_struct_ref_seq.pdbx_seq_align_end_ins_code 
_struct_ref_seq.pdbx_db_accession 
_struct_ref_seq.db_align_beg 
_struct_ref_seq.pdbx_db_align_beg_ins_code 
_struct_ref_seq.db_align_end 
_struct_ref_seq.pdbx_db_align_end_ins_code 
_struct_ref_seq.pdbx_auth_seq_align_beg 
_struct_ref_seq.pdbx_auth_seq_align_end 
1 1 1HM1 A 1 ? 10 ? 1HM1 1  ? 10 ? 1  10 
2 2 1HM1 B 1 ? 10 ? 1HM1 11 ? 20 ? 11 20 
# 
_pdbx_struct_assembly.id                   1 
_pdbx_struct_assembly.details              author_defined_assembly 
_pdbx_struct_assembly.method_details       ? 
_pdbx_struct_assembly.oligomeric_details   dimeric 
_pdbx_struct_assembly.oligomeric_count     2 
# 
_pdbx_struct_assembly_gen.assembly_id       1 
_pdbx_struct_assembly_gen.oper_expression   1 
_pdbx_struct_assembly_gen.asym_id_list      A,B 
# 
_pdbx_struct_oper_list.id                   1 
_pdbx_struct_oper_list.type                 'identity operation' 
_pdbx_struct_oper_list.name                 1_555 
_pdbx_struct_oper_list.symmetry_operation   x,y,z 
_pdbx_struct_oper_list.matrix[1][1]         1.0000000000 
_pdbx_struct_oper_list.matrix[1][2]         0.0000000000 
_pdbx_struct_oper_list.matrix[1][3]         0.0000000000 
_pdbx_struct_oper_list.vector[1]            0.0000000000 
_pdbx_struct_oper_list.matrix[2][1]         0.0000000000 
_pdbx_struct_oper_list.matrix[2][2]         1.0000000000 
_pdbx_struct_oper_list.matrix[2][3]         0.0000000000 
_pdbx_struct_oper_list.vector[2]            0.0000000000 
_pdbx_struct_oper_list.matrix[3][1]         0.0000000000 
_pdbx_struct_oper_list.matrix[3][2]         0.0000000000 
_pdbx_struct_oper_list.matrix[3][3]         1.0000000000 
_pdbx_struct_oper_list.vector[3]            0.0000000000 
# 
_struct_biol.id                    1 
_struct_biol.pdbx_parent_biol_id   ? 
_struct_biol.details               ? 
# 
loop_
_struct_conn.id 
_struct_conn.conn_type_id 
_struct_conn.pdbx_leaving_atom_flag 
_struct_conn.pdbx_PDB_id 
_struct_conn.ptnr1_label_asym_id 
_struct_conn.ptnr1_label_comp_id 
_struct_conn.ptnr1_label_seq_id 
_struct_conn.ptnr1_label_atom_id 
_struct_conn.pdbx_ptnr1_label_alt_id 
_struct_conn.pdbx_ptnr1_PDB_ins_code 
_struct_conn.pdbx_ptnr1_standard_comp_id 
_struct_conn.ptnr1_symmetry 
_struct_conn.ptnr2_label_asym_id 
_struct_conn.ptnr2_label_comp_id 
_struct_conn.ptnr2_label_seq_id 
_struct_conn.ptnr2_label_atom_id 
_struct_conn.pdbx_ptnr2_label_alt_id 
_struct_conn.pdbx_ptnr2_PDB_ins_code 
_struct_conn.ptnr1_auth_asym_id 
_struct_conn.ptnr1_auth_comp_id 
_struct_conn.ptnr1_auth_seq_id 
_struct_conn.ptnr2_auth_asym_id 
_struct_conn.ptnr2_auth_comp_id 
_struct_conn.ptnr2_auth_seq_id 
_struct_conn.ptnr2_symmetry 
_struct_conn.pdbx_ptnr3_label_atom_id 
_struct_conn.pdbx_ptnr3_label_seq_id 
_struct_conn.pdbx_ptnr3_label_comp_id 
_struct_conn.pdbx_ptnr3_label_asym_id 
_struct_conn.pdbx_ptnr3_label_alt_id 
_struct_conn.pdbx_ptnr3_PDB_ins_code 
_struct_conn.details 
_struct_conn.pdbx_dist_value 
_struct_conn.pdbx_value_order 
_struct_conn.pdbx_role 
covale1  covale both ? A DT  4  "O3'" ? ? ? 1_555 A FAG 5  P  ? ? A DT  4  A FAG 5  1_555 ? ? ? ? ? ? ?            1.613 ? ? 
covale2  covale one  ? A FAG 5  "O3'" ? ? ? 1_555 A DA  6  P  ? ? A FAG 5  A DA  6  1_555 ? ? ? ? ? ? ?            1.619 ? ? 
hydrog1  hydrog ?    ? A DC  1  N3    ? ? ? 1_555 B DG  10 N1 ? ? A DC  1  B DG  20 1_555 ? ? ? ? ? ? WATSON-CRICK ?     ? ? 
hydrog2  hydrog ?    ? A DC  1  N4    ? ? ? 1_555 B DG  10 O6 ? ? A DC  1  B DG  20 1_555 ? ? ? ? ? ? WATSON-CRICK ?     ? ? 
hydrog3  hydrog ?    ? A DC  1  O2    ? ? ? 1_555 B DG  10 N2 ? ? A DC  1  B DG  20 1_555 ? ? ? ? ? ? WATSON-CRICK ?     ? ? 
hydrog4  hydrog ?    ? A DT  2  N3    ? ? ? 1_555 B DA  9  N1 ? ? A DT  2  B DA  19 1_555 ? ? ? ? ? ? WATSON-CRICK ?     ? ? 
hydrog5  hydrog ?    ? A DT  2  O4    ? ? ? 1_555 B DA  9  N6 ? ? A DT  2  B DA  19 1_555 ? ? ? ? ? ? WATSON-CRICK ?     ? ? 
hydrog6  hydrog ?    ? A DA  3  N1    ? ? ? 1_555 B DT  8  N3 ? ? A DA  3  B DT  18 1_555 ? ? ? ? ? ? WATSON-CRICK ?     ? ? 
hydrog7  hydrog ?    ? A DA  3  N6    ? ? ? 1_555 B DT  8  O4 ? ? A DA  3  B DT  18 1_555 ? ? ? ? ? ? WATSON-CRICK ?     ? ? 
hydrog8  hydrog ?    ? A DT  4  N3    ? ? ? 1_555 B DA  7  N1 ? ? A DT  4  B DA  17 1_555 ? ? ? ? ? ? WATSON-CRICK ?     ? ? 
hydrog9  hydrog ?    ? A DT  4  O4    ? ? ? 1_555 B DA  7  N6 ? ? A DT  4  B DA  17 1_555 ? ? ? ? ? ? WATSON-CRICK ?     ? ? 
hydrog10 hydrog ?    ? A DA  6  N1    ? ? ? 1_555 B DT  5  N3 ? ? A DA  6  B DT  15 1_555 ? ? ? ? ? ? WATSON-CRICK ?     ? ? 
hydrog11 hydrog ?    ? A DA  6  N6    ? ? ? 1_555 B DT  5  O4 ? ? A DA  6  B DT  15 1_555 ? ? ? ? ? ? WATSON-CRICK ?     ? ? 
hydrog12 hydrog ?    ? A DT  7  N3    ? ? ? 1_555 B DA  4  N1 ? ? A DT  7  B DA  14 1_555 ? ? ? ? ? ? WATSON-CRICK ?     ? ? 
hydrog13 hydrog ?    ? A DT  7  O4    ? ? ? 1_555 B DA  4  N6 ? ? A DT  7  B DA  14 1_555 ? ? ? ? ? ? WATSON-CRICK ?     ? ? 
hydrog14 hydrog ?    ? A DT  8  N3    ? ? ? 1_555 B DA  3  N1 ? ? A DT  8  B DA  13 1_555 ? ? ? ? ? ? WATSON-CRICK ?     ? ? 
hydrog15 hydrog ?    ? A DT  8  O4    ? ? ? 1_555 B DA  3  N6 ? ? A DT  8  B DA  13 1_555 ? ? ? ? ? ? WATSON-CRICK ?     ? ? 
hydrog16 hydrog ?    ? A DC  9  N3    ? ? ? 1_555 B DG  2  N1 ? ? A DC  9  B DG  12 1_555 ? ? ? ? ? ? WATSON-CRICK ?     ? ? 
hydrog17 hydrog ?    ? A DC  9  N4    ? ? ? 1_555 B DG  2  O6 ? ? A DC  9  B DG  12 1_555 ? ? ? ? ? ? WATSON-CRICK ?     ? ? 
hydrog18 hydrog ?    ? A DC  9  O2    ? ? ? 1_555 B DG  2  N2 ? ? A DC  9  B DG  12 1_555 ? ? ? ? ? ? WATSON-CRICK ?     ? ? 
hydrog19 hydrog ?    ? A DA  10 N1    ? ? ? 1_555 B DT  1  N3 ? ? A DA  10 B DT  11 1_555 ? ? ? ? ? ? WATSON-CRICK ?     ? ? 
hydrog20 hydrog ?    ? A DA  10 N6    ? ? ? 1_555 B DT  1  O4 ? ? A DA  10 B DT  11 1_555 ? ? ? ? ? ? WATSON-CRICK ?     ? ? 
# 
loop_
_struct_conn_type.id 
_struct_conn_type.criteria 
_struct_conn_type.reference 
covale ? ? 
hydrog ? ? 
# 
loop_
_pdbx_validate_rmsd_angle.id 
_pdbx_validate_rmsd_angle.PDB_model_num 
_pdbx_validate_rmsd_angle.auth_atom_id_1 
_pdbx_validate_rmsd_angle.auth_asym_id_1 
_pdbx_validate_rmsd_angle.auth_comp_id_1 
_pdbx_validate_rmsd_angle.auth_seq_id_1 
_pdbx_validate_rmsd_angle.PDB_ins_code_1 
_pdbx_validate_rmsd_angle.label_alt_id_1 
_pdbx_validate_rmsd_angle.auth_atom_id_2 
_pdbx_validate_rmsd_angle.auth_asym_id_2 
_pdbx_validate_rmsd_angle.auth_comp_id_2 
_pdbx_validate_rmsd_angle.auth_seq_id_2 
_pdbx_validate_rmsd_angle.PDB_ins_code_2 
_pdbx_validate_rmsd_angle.label_alt_id_2 
_pdbx_validate_rmsd_angle.auth_atom_id_3 
_pdbx_validate_rmsd_angle.auth_asym_id_3 
_pdbx_validate_rmsd_angle.auth_comp_id_3 
_pdbx_validate_rmsd_angle.auth_seq_id_3 
_pdbx_validate_rmsd_angle.PDB_ins_code_3 
_pdbx_validate_rmsd_angle.label_alt_id_3 
_pdbx_validate_rmsd_angle.angle_value 
_pdbx_validate_rmsd_angle.angle_target_value 
_pdbx_validate_rmsd_angle.angle_deviation 
_pdbx_validate_rmsd_angle.angle_standard_deviation 
_pdbx_validate_rmsd_angle.linker_flag 
1  1 "O4'" A DC 1  ? ? "C1'" A DC 1  ? ? N1 A DC 1  ? ? 112.42 108.30 4.12  0.30 N 
2  1 "O4'" A DT 2  ? ? "C1'" A DT 2  ? ? N1 A DT 2  ? ? 111.62 108.30 3.32  0.30 N 
3  1 C6    A DT 2  ? ? C5    A DT 2  ? ? C7 A DT 2  ? ? 117.91 122.90 -4.99 0.60 N 
4  1 "O4'" A DA 3  ? ? "C1'" A DA 3  ? ? N9 A DA 3  ? ? 111.79 108.30 3.49  0.30 N 
5  1 N7    A DA 3  ? ? C8    A DA 3  ? ? N9 A DA 3  ? ? 117.56 113.80 3.76  0.50 N 
6  1 C8    A DA 3  ? ? N9    A DA 3  ? ? C4 A DA 3  ? ? 103.33 105.80 -2.47 0.40 N 
7  1 C6    A DT 4  ? ? C5    A DT 4  ? ? C7 A DT 4  ? ? 118.60 122.90 -4.30 0.60 N 
8  1 "O4'" A DA 6  ? ? "C1'" A DA 6  ? ? N9 A DA 6  ? ? 111.66 108.30 3.36  0.30 N 
9  1 N7    A DA 6  ? ? C8    A DA 6  ? ? N9 A DA 6  ? ? 117.41 113.80 3.61  0.50 N 
10 1 C8    A DA 6  ? ? N9    A DA 6  ? ? C4 A DA 6  ? ? 103.31 105.80 -2.49 0.40 N 
11 1 "O4'" A DT 7  ? ? "C1'" A DT 7  ? ? N1 A DT 7  ? ? 114.28 108.30 5.98  0.30 N 
12 1 "O4'" A DT 8  ? ? "C1'" A DT 8  ? ? N1 A DT 8  ? ? 112.04 108.30 3.74  0.30 N 
13 1 C6    A DT 8  ? ? C5    A DT 8  ? ? C7 A DT 8  ? ? 119.21 122.90 -3.69 0.60 N 
14 1 "O4'" A DC 9  ? ? "C1'" A DC 9  ? ? N1 A DC 9  ? ? 111.76 108.30 3.46  0.30 N 
15 1 "O4'" A DA 10 ? ? "C1'" A DA 10 ? ? N9 A DA 10 ? ? 111.24 108.30 2.94  0.30 N 
16 1 N7    A DA 10 ? ? C8    A DA 10 ? ? N9 A DA 10 ? ? 117.49 113.80 3.69  0.50 N 
17 1 C8    A DA 10 ? ? N9    A DA 10 ? ? C4 A DA 10 ? ? 103.16 105.80 -2.64 0.40 N 
18 1 "O4'" B DT 11 ? ? "C1'" B DT 11 ? ? N1 B DT 11 ? ? 112.03 108.30 3.73  0.30 N 
19 1 "O4'" B DG 12 ? ? "C1'" B DG 12 ? ? N9 B DG 12 ? ? 112.32 108.30 4.02  0.30 N 
20 1 N7    B DG 12 ? ? C8    B DG 12 ? ? N9 B DG 12 ? ? 117.71 113.10 4.61  0.50 N 
21 1 C8    B DG 12 ? ? N9    B DG 12 ? ? C4 B DG 12 ? ? 103.13 106.40 -3.27 0.40 N 
22 1 "O4'" B DA 13 ? ? "C1'" B DA 13 ? ? N9 B DA 13 ? ? 112.11 108.30 3.81  0.30 N 
23 1 N7    B DA 13 ? ? C8    B DA 13 ? ? N9 B DA 13 ? ? 117.51 113.80 3.71  0.50 N 
24 1 C8    B DA 13 ? ? N9    B DA 13 ? ? C4 B DA 13 ? ? 103.07 105.80 -2.73 0.40 N 
25 1 "O4'" B DA 14 ? ? "C1'" B DA 14 ? ? N9 B DA 14 ? ? 114.95 108.30 6.65  0.30 N 
26 1 N7    B DA 14 ? ? C8    B DA 14 ? ? N9 B DA 14 ? ? 117.50 113.80 3.70  0.50 N 
27 1 "O4'" B DT 15 ? ? "C1'" B DT 15 ? ? N1 B DT 15 ? ? 111.34 108.30 3.04  0.30 N 
28 1 C6    B DT 15 ? ? C5    B DT 15 ? ? C7 B DT 15 ? ? 118.27 122.90 -4.63 0.60 N 
29 1 "O4'" B DC 16 ? ? "C1'" B DC 16 ? ? N1 B DC 16 ? ? 112.95 108.30 4.65  0.30 N 
30 1 "O4'" B DA 17 ? ? "C1'" B DA 17 ? ? N9 B DA 17 ? ? 112.17 108.30 3.87  0.30 N 
31 1 N7    B DA 17 ? ? C8    B DA 17 ? ? N9 B DA 17 ? ? 117.64 113.80 3.84  0.50 N 
32 1 C8    B DA 17 ? ? N9    B DA 17 ? ? C4 B DA 17 ? ? 103.39 105.80 -2.41 0.40 N 
33 1 "O4'" B DT 18 ? ? "C1'" B DT 18 ? ? N1 B DT 18 ? ? 111.68 108.30 3.38  0.30 N 
34 1 "O4'" B DA 19 ? ? "C1'" B DA 19 ? ? N9 B DA 19 ? ? 112.46 108.30 4.16  0.30 N 
35 1 N7    B DA 19 ? ? C8    B DA 19 ? ? N9 B DA 19 ? ? 117.82 113.80 4.02  0.50 N 
36 1 C8    B DA 19 ? ? N9    B DA 19 ? ? C4 B DA 19 ? ? 103.18 105.80 -2.62 0.40 N 
37 1 "O4'" B DG 20 ? ? "C1'" B DG 20 ? ? N9 B DG 20 ? ? 111.34 108.30 3.04  0.30 N 
38 1 N7    B DG 20 ? ? C8    B DG 20 ? ? N9 B DG 20 ? ? 117.61 113.10 4.51  0.50 N 
39 1 C8    B DG 20 ? ? N9    B DG 20 ? ? C4 B DG 20 ? ? 103.48 106.40 -2.92 0.40 N 
# 
_pdbx_validate_planes.id              1 
_pdbx_validate_planes.PDB_model_num   1 
_pdbx_validate_planes.auth_comp_id    DT 
_pdbx_validate_planes.auth_asym_id    A 
_pdbx_validate_planes.auth_seq_id     4 
_pdbx_validate_planes.PDB_ins_code    ? 
_pdbx_validate_planes.label_alt_id    ? 
_pdbx_validate_planes.rmsd            0.079 
_pdbx_validate_planes.type            'SIDE CHAIN' 
# 
_pdbx_nmr_ensemble.entry_id                             1HM1 
_pdbx_nmr_ensemble.conformers_calculated_total_number   1 
_pdbx_nmr_ensemble.conformers_submitted_total_number    1 
_pdbx_nmr_ensemble.conformer_selection_criteria         'MINIMIZED AVERAGE' 
# 
_pdbx_nmr_sample_details.solution_id   1 
_pdbx_nmr_sample_details.contents      '0.1 M NACL,10 MM NAH2PO4, 0.05 MM NA2(EDTA)' 
# 
_pdbx_nmr_exptl_sample_conditions.conditions_id       1 
_pdbx_nmr_exptl_sample_conditions.temperature         298.00 
_pdbx_nmr_exptl_sample_conditions.pressure            1 
_pdbx_nmr_exptl_sample_conditions.pH                  6.80 
_pdbx_nmr_exptl_sample_conditions.ionic_strength      ? 
_pdbx_nmr_exptl_sample_conditions.pressure_units      atm 
_pdbx_nmr_exptl_sample_conditions.temperature_units   K 
# 
loop_
_pdbx_nmr_exptl.experiment_id 
_pdbx_nmr_exptl.conditions_id 
_pdbx_nmr_exptl.type 
_pdbx_nmr_exptl.solution_id 
1 1 NOESY    1 
2 1 TOCSY    1 
3 1 DQF-COSY 1 
# 
_pdbx_nmr_refine.entry_id           1HM1 
_pdbx_nmr_refine.method             'DISTANCE RESTRAINED MOLECULAR DYNAMICS SIMULATED ANNEALING' 
_pdbx_nmr_refine.details            'REFINEMENT DETAILS CAN BE FOUND IN THE JRNL CITATION ABOVE.' 
_pdbx_nmr_refine.software_ordinal   1 
# 
loop_
_pdbx_nmr_software.classification 
_pdbx_nmr_software.name 
_pdbx_nmr_software.version 
_pdbx_nmr_software.authors 
_pdbx_nmr_software.ordinal 
refinement           X-PLOR       2.4 BRUNGER 1 
'structure solution' Felix        ?   ?       2 
'structure solution' 'Insight II' ?   ?       3 
'structure solution' X-PLOR       ?   ?       4 
# 
loop_
_chem_comp_atom.comp_id 
_chem_comp_atom.atom_id 
_chem_comp_atom.type_symbol 
_chem_comp_atom.pdbx_aromatic_flag 
_chem_comp_atom.pdbx_stereo_config 
_chem_comp_atom.pdbx_ordinal 
DA  OP3    O N N 1   
DA  P      P N N 2   
DA  OP1    O N N 3   
DA  OP2    O N N 4   
DA  "O5'"  O N N 5   
DA  "C5'"  C N N 6   
DA  "C4'"  C N R 7   
DA  "O4'"  O N N 8   
DA  "C3'"  C N S 9   
DA  "O3'"  O N N 10  
DA  "C2'"  C N N 11  
DA  "C1'"  C N R 12  
DA  N9     N Y N 13  
DA  C8     C Y N 14  
DA  N7     N Y N 15  
DA  C5     C Y N 16  
DA  C6     C Y N 17  
DA  N6     N N N 18  
DA  N1     N Y N 19  
DA  C2     C Y N 20  
DA  N3     N Y N 21  
DA  C4     C Y N 22  
DA  HOP3   H N N 23  
DA  HOP2   H N N 24  
DA  "H5'"  H N N 25  
DA  "H5''" H N N 26  
DA  "H4'"  H N N 27  
DA  "H3'"  H N N 28  
DA  "HO3'" H N N 29  
DA  "H2'"  H N N 30  
DA  "H2''" H N N 31  
DA  "H1'"  H N N 32  
DA  H8     H N N 33  
DA  H61    H N N 34  
DA  H62    H N N 35  
DA  H2     H N N 36  
DC  OP3    O N N 37  
DC  P      P N N 38  
DC  OP1    O N N 39  
DC  OP2    O N N 40  
DC  "O5'"  O N N 41  
DC  "C5'"  C N N 42  
DC  "C4'"  C N R 43  
DC  "O4'"  O N N 44  
DC  "C3'"  C N S 45  
DC  "O3'"  O N N 46  
DC  "C2'"  C N N 47  
DC  "C1'"  C N R 48  
DC  N1     N N N 49  
DC  C2     C N N 50  
DC  O2     O N N 51  
DC  N3     N N N 52  
DC  C4     C N N 53  
DC  N4     N N N 54  
DC  C5     C N N 55  
DC  C6     C N N 56  
DC  HOP3   H N N 57  
DC  HOP2   H N N 58  
DC  "H5'"  H N N 59  
DC  "H5''" H N N 60  
DC  "H4'"  H N N 61  
DC  "H3'"  H N N 62  
DC  "HO3'" H N N 63  
DC  "H2'"  H N N 64  
DC  "H2''" H N N 65  
DC  "H1'"  H N N 66  
DC  H41    H N N 67  
DC  H42    H N N 68  
DC  H5     H N N 69  
DC  H6     H N N 70  
DG  OP3    O N N 71  
DG  P      P N N 72  
DG  OP1    O N N 73  
DG  OP2    O N N 74  
DG  "O5'"  O N N 75  
DG  "C5'"  C N N 76  
DG  "C4'"  C N R 77  
DG  "O4'"  O N N 78  
DG  "C3'"  C N S 79  
DG  "O3'"  O N N 80  
DG  "C2'"  C N N 81  
DG  "C1'"  C N R 82  
DG  N9     N Y N 83  
DG  C8     C Y N 84  
DG  N7     N Y N 85  
DG  C5     C Y N 86  
DG  C6     C N N 87  
DG  O6     O N N 88  
DG  N1     N N N 89  
DG  C2     C N N 90  
DG  N2     N N N 91  
DG  N3     N N N 92  
DG  C4     C Y N 93  
DG  HOP3   H N N 94  
DG  HOP2   H N N 95  
DG  "H5'"  H N N 96  
DG  "H5''" H N N 97  
DG  "H4'"  H N N 98  
DG  "H3'"  H N N 99  
DG  "HO3'" H N N 100 
DG  "H2'"  H N N 101 
DG  "H2''" H N N 102 
DG  "H1'"  H N N 103 
DG  H8     H N N 104 
DG  H1     H N N 105 
DG  H21    H N N 106 
DG  H22    H N N 107 
DT  OP3    O N N 108 
DT  P      P N N 109 
DT  OP1    O N N 110 
DT  OP2    O N N 111 
DT  "O5'"  O N N 112 
DT  "C5'"  C N N 113 
DT  "C4'"  C N R 114 
DT  "O4'"  O N N 115 
DT  "C3'"  C N S 116 
DT  "O3'"  O N N 117 
DT  "C2'"  C N N 118 
DT  "C1'"  C N R 119 
DT  N1     N N N 120 
DT  C2     C N N 121 
DT  O2     O N N 122 
DT  N3     N N N 123 
DT  C4     C N N 124 
DT  O4     O N N 125 
DT  C5     C N N 126 
DT  C7     C N N 127 
DT  C6     C N N 128 
DT  HOP3   H N N 129 
DT  HOP2   H N N 130 
DT  "H5'"  H N N 131 
DT  "H5''" H N N 132 
DT  "H4'"  H N N 133 
DT  "H3'"  H N N 134 
DT  "HO3'" H N N 135 
DT  "H2'"  H N N 136 
DT  "H2''" H N N 137 
DT  "H1'"  H N N 138 
DT  H3     H N N 139 
DT  H71    H N N 140 
DT  H72    H N N 141 
DT  H73    H N N 142 
DT  H6     H N N 143 
FAG C3A    C N N 144 
FAG C3     C N N 145 
FAG C2A    C N N 146 
FAG C1     C N N 147 
FAG O1     O N N 148 
FAG P      P N N 149 
FAG O1P    O N N 150 
FAG O2P    O N N 151 
FAG "O5'"  O N N 152 
FAG "C5'"  C N N 153 
FAG "C4'"  C N R 154 
FAG "O4'"  O N N 155 
FAG "C1'"  C N R 156 
FAG N9     N N N 157 
FAG C4     C N N 158 
FAG N3     N N N 159 
FAG C2     C N N 160 
FAG N2     N N N 161 
FAG N1     N N N 162 
FAG C6     C N N 163 
FAG O6     O N N 164 
FAG C5     C N N 165 
FAG N7     N N N 166 
FAG C8     C N N 167 
FAG O8     O N N 168 
FAG "C2'"  C N N 169 
FAG "C3'"  C N S 170 
FAG "O3'"  O N N 171 
FAG C8A    C N R 172 
FAG C9     C N R 173 
FAG O9     O N N 174 
FAG C9A    C N R 175 
FAG C9B    C Y N 176 
FAG O7     O N N 177 
FAG C6A    C N S 178 
FAG O6A    O N N 179 
FAG C5M    C Y N 180 
FAG C5B    C Y N 181 
FAG C4B    C Y N 182 
FAG O4     O N N 183 
FAG CM     C N N 184 
FAG C4A    C Y N 185 
FAG CAA    C Y N 186 
FAG O10    O N N 187 
FAG C11    C N N 188 
FAG O11    O N N 189 
FAG CBA    C N N 190 
FAG H31    H N N 191 
FAG H32    H N N 192 
FAG H2A1   H N N 193 
FAG H2A2   H N N 194 
FAG HOP2   H N N 195 
FAG "H5'1" H N N 196 
FAG "H5'2" H N N 197 
FAG "H4'"  H N N 198 
FAG "H1'"  H N N 199 
FAG HN9    H N N 200 
FAG HN21   H N N 201 
FAG HN22   H N N 202 
FAG H1     H N N 203 
FAG H8     H N N 204 
FAG "H2'1" H N N 205 
FAG "H2'2" H N N 206 
FAG "H3'"  H N N 207 
FAG "HO3'" H N N 208 
FAG H8A    H N N 209 
FAG H9     H N N 210 
FAG HO9    H N N 211 
FAG H9A    H N N 212 
FAG H6A    H N N 213 
FAG H5B    H N N 214 
FAG HM1    H N N 215 
FAG HM2    H N N 216 
FAG HM3    H N N 217 
FAG O3P    O N N 218 
FAG HOP3   H N N 219 
# 
loop_
_chem_comp_bond.comp_id 
_chem_comp_bond.atom_id_1 
_chem_comp_bond.atom_id_2 
_chem_comp_bond.value_order 
_chem_comp_bond.pdbx_aromatic_flag 
_chem_comp_bond.pdbx_stereo_config 
_chem_comp_bond.pdbx_ordinal 
DA  OP3   P      sing N N 1   
DA  OP3   HOP3   sing N N 2   
DA  P     OP1    doub N N 3   
DA  P     OP2    sing N N 4   
DA  P     "O5'"  sing N N 5   
DA  OP2   HOP2   sing N N 6   
DA  "O5'" "C5'"  sing N N 7   
DA  "C5'" "C4'"  sing N N 8   
DA  "C5'" "H5'"  sing N N 9   
DA  "C5'" "H5''" sing N N 10  
DA  "C4'" "O4'"  sing N N 11  
DA  "C4'" "C3'"  sing N N 12  
DA  "C4'" "H4'"  sing N N 13  
DA  "O4'" "C1'"  sing N N 14  
DA  "C3'" "O3'"  sing N N 15  
DA  "C3'" "C2'"  sing N N 16  
DA  "C3'" "H3'"  sing N N 17  
DA  "O3'" "HO3'" sing N N 18  
DA  "C2'" "C1'"  sing N N 19  
DA  "C2'" "H2'"  sing N N 20  
DA  "C2'" "H2''" sing N N 21  
DA  "C1'" N9     sing N N 22  
DA  "C1'" "H1'"  sing N N 23  
DA  N9    C8     sing Y N 24  
DA  N9    C4     sing Y N 25  
DA  C8    N7     doub Y N 26  
DA  C8    H8     sing N N 27  
DA  N7    C5     sing Y N 28  
DA  C5    C6     sing Y N 29  
DA  C5    C4     doub Y N 30  
DA  C6    N6     sing N N 31  
DA  C6    N1     doub Y N 32  
DA  N6    H61    sing N N 33  
DA  N6    H62    sing N N 34  
DA  N1    C2     sing Y N 35  
DA  C2    N3     doub Y N 36  
DA  C2    H2     sing N N 37  
DA  N3    C4     sing Y N 38  
DC  OP3   P      sing N N 39  
DC  OP3   HOP3   sing N N 40  
DC  P     OP1    doub N N 41  
DC  P     OP2    sing N N 42  
DC  P     "O5'"  sing N N 43  
DC  OP2   HOP2   sing N N 44  
DC  "O5'" "C5'"  sing N N 45  
DC  "C5'" "C4'"  sing N N 46  
DC  "C5'" "H5'"  sing N N 47  
DC  "C5'" "H5''" sing N N 48  
DC  "C4'" "O4'"  sing N N 49  
DC  "C4'" "C3'"  sing N N 50  
DC  "C4'" "H4'"  sing N N 51  
DC  "O4'" "C1'"  sing N N 52  
DC  "C3'" "O3'"  sing N N 53  
DC  "C3'" "C2'"  sing N N 54  
DC  "C3'" "H3'"  sing N N 55  
DC  "O3'" "HO3'" sing N N 56  
DC  "C2'" "C1'"  sing N N 57  
DC  "C2'" "H2'"  sing N N 58  
DC  "C2'" "H2''" sing N N 59  
DC  "C1'" N1     sing N N 60  
DC  "C1'" "H1'"  sing N N 61  
DC  N1    C2     sing N N 62  
DC  N1    C6     sing N N 63  
DC  C2    O2     doub N N 64  
DC  C2    N3     sing N N 65  
DC  N3    C4     doub N N 66  
DC  C4    N4     sing N N 67  
DC  C4    C5     sing N N 68  
DC  N4    H41    sing N N 69  
DC  N4    H42    sing N N 70  
DC  C5    C6     doub N N 71  
DC  C5    H5     sing N N 72  
DC  C6    H6     sing N N 73  
DG  OP3   P      sing N N 74  
DG  OP3   HOP3   sing N N 75  
DG  P     OP1    doub N N 76  
DG  P     OP2    sing N N 77  
DG  P     "O5'"  sing N N 78  
DG  OP2   HOP2   sing N N 79  
DG  "O5'" "C5'"  sing N N 80  
DG  "C5'" "C4'"  sing N N 81  
DG  "C5'" "H5'"  sing N N 82  
DG  "C5'" "H5''" sing N N 83  
DG  "C4'" "O4'"  sing N N 84  
DG  "C4'" "C3'"  sing N N 85  
DG  "C4'" "H4'"  sing N N 86  
DG  "O4'" "C1'"  sing N N 87  
DG  "C3'" "O3'"  sing N N 88  
DG  "C3'" "C2'"  sing N N 89  
DG  "C3'" "H3'"  sing N N 90  
DG  "O3'" "HO3'" sing N N 91  
DG  "C2'" "C1'"  sing N N 92  
DG  "C2'" "H2'"  sing N N 93  
DG  "C2'" "H2''" sing N N 94  
DG  "C1'" N9     sing N N 95  
DG  "C1'" "H1'"  sing N N 96  
DG  N9    C8     sing Y N 97  
DG  N9    C4     sing Y N 98  
DG  C8    N7     doub Y N 99  
DG  C8    H8     sing N N 100 
DG  N7    C5     sing Y N 101 
DG  C5    C6     sing N N 102 
DG  C5    C4     doub Y N 103 
DG  C6    O6     doub N N 104 
DG  C6    N1     sing N N 105 
DG  N1    C2     sing N N 106 
DG  N1    H1     sing N N 107 
DG  C2    N2     sing N N 108 
DG  C2    N3     doub N N 109 
DG  N2    H21    sing N N 110 
DG  N2    H22    sing N N 111 
DG  N3    C4     sing N N 112 
DT  OP3   P      sing N N 113 
DT  OP3   HOP3   sing N N 114 
DT  P     OP1    doub N N 115 
DT  P     OP2    sing N N 116 
DT  P     "O5'"  sing N N 117 
DT  OP2   HOP2   sing N N 118 
DT  "O5'" "C5'"  sing N N 119 
DT  "C5'" "C4'"  sing N N 120 
DT  "C5'" "H5'"  sing N N 121 
DT  "C5'" "H5''" sing N N 122 
DT  "C4'" "O4'"  sing N N 123 
DT  "C4'" "C3'"  sing N N 124 
DT  "C4'" "H4'"  sing N N 125 
DT  "O4'" "C1'"  sing N N 126 
DT  "C3'" "O3'"  sing N N 127 
DT  "C3'" "C2'"  sing N N 128 
DT  "C3'" "H3'"  sing N N 129 
DT  "O3'" "HO3'" sing N N 130 
DT  "C2'" "C1'"  sing N N 131 
DT  "C2'" "H2'"  sing N N 132 
DT  "C2'" "H2''" sing N N 133 
DT  "C1'" N1     sing N N 134 
DT  "C1'" "H1'"  sing N N 135 
DT  N1    C2     sing N N 136 
DT  N1    C6     sing N N 137 
DT  C2    O2     doub N N 138 
DT  C2    N3     sing N N 139 
DT  N3    C4     sing N N 140 
DT  N3    H3     sing N N 141 
DT  C4    O4     doub N N 142 
DT  C4    C5     sing N N 143 
DT  C5    C7     sing N N 144 
DT  C5    C6     doub N N 145 
DT  C7    H71    sing N N 146 
DT  C7    H72    sing N N 147 
DT  C7    H73    sing N N 148 
DT  C6    H6     sing N N 149 
FAG C3A   C3     sing N N 150 
FAG C3A   C4A    sing N N 151 
FAG C3A   CBA    doub N N 152 
FAG C3    C2A    sing N N 153 
FAG C3    H31    sing N N 154 
FAG C3    H32    sing N N 155 
FAG C2A   C1     sing N N 156 
FAG C2A   H2A1   sing N N 157 
FAG C2A   H2A2   sing N N 158 
FAG C1    O1     doub N N 159 
FAG C1    CBA    sing N N 160 
FAG P     O1P    doub N N 161 
FAG P     O2P    sing N N 162 
FAG P     "O5'"  sing N N 163 
FAG O2P   HOP2   sing N N 164 
FAG "O5'" "C5'"  sing N N 165 
FAG "C5'" "C4'"  sing N N 166 
FAG "C5'" "H5'1" sing N N 167 
FAG "C5'" "H5'2" sing N N 168 
FAG "C4'" "O4'"  sing N N 169 
FAG "C4'" "C3'"  sing N N 170 
FAG "C4'" "H4'"  sing N N 171 
FAG "O4'" "C1'"  sing N N 172 
FAG "C1'" N9     sing N N 173 
FAG "C1'" "C2'"  sing N N 174 
FAG "C1'" "H1'"  sing N N 175 
FAG N9    C4     sing N N 176 
FAG N9    HN9    sing N N 177 
FAG C4    N3     sing N N 178 
FAG C4    C5     doub N N 179 
FAG N3    C2     doub N N 180 
FAG C2    N2     sing N N 181 
FAG C2    N1     sing N N 182 
FAG N2    HN21   sing N N 183 
FAG N2    HN22   sing N N 184 
FAG N1    C6     sing N N 185 
FAG N1    H1     sing N N 186 
FAG C6    O6     doub N N 187 
FAG C6    C5     sing N N 188 
FAG C5    N7     sing N N 189 
FAG N7    C8     sing N N 190 
FAG N7    C8A    sing N N 191 
FAG C8    O8     doub N N 192 
FAG C8    H8     sing N N 193 
FAG "C2'" "C3'"  sing N N 194 
FAG "C2'" "H2'1" sing N N 195 
FAG "C2'" "H2'2" sing N N 196 
FAG "C3'" "O3'"  sing N N 197 
FAG "C3'" "H3'"  sing N N 198 
FAG "O3'" "HO3'" sing N N 199 
FAG C8A   C9     sing N N 200 
FAG C8A   O7     sing N N 201 
FAG C8A   H8A    sing N N 202 
FAG C9    O9     sing N N 203 
FAG C9    C9A    sing N N 204 
FAG C9    H9     sing N N 205 
FAG O9    HO9    sing N N 206 
FAG C9A   C9B    sing N N 207 
FAG C9A   C6A    sing N N 208 
FAG C9A   H9A    sing N N 209 
FAG C9B   C5M    doub Y N 210 
FAG C9B   CAA    sing Y N 211 
FAG O7    C6A    sing N N 212 
FAG C6A   O6A    sing N N 213 
FAG C6A   H6A    sing N N 214 
FAG O6A   C5M    sing N N 215 
FAG C5M   C5B    sing Y N 216 
FAG C5B   C4B    doub Y N 217 
FAG C5B   H5B    sing N N 218 
FAG C4B   O4     sing N N 219 
FAG C4B   C4A    sing Y N 220 
FAG O4    CM     sing N N 221 
FAG CM    HM1    sing N N 222 
FAG CM    HM2    sing N N 223 
FAG CM    HM3    sing N N 224 
FAG C4A   CAA    doub Y N 225 
FAG CAA   O10    sing N N 226 
FAG O10   C11    sing N N 227 
FAG C11   O11    doub N N 228 
FAG C11   CBA    sing N N 229 
FAG P     O3P    sing N N 230 
FAG O3P   HOP3   sing N N 231 
# 
loop_
_ndb_struct_conf_na.entry_id 
_ndb_struct_conf_na.feature 
1HM1 'double helix'         
1HM1 'b-form double helix'  
1HM1 'mismatched base pair' 
# 
loop_
_ndb_struct_na_base_pair.model_number 
_ndb_struct_na_base_pair.i_label_asym_id 
_ndb_struct_na_base_pair.i_label_comp_id 
_ndb_struct_na_base_pair.i_label_seq_id 
_ndb_struct_na_base_pair.i_symmetry 
_ndb_struct_na_base_pair.j_label_asym_id 
_ndb_struct_na_base_pair.j_label_comp_id 
_ndb_struct_na_base_pair.j_label_seq_id 
_ndb_struct_na_base_pair.j_symmetry 
_ndb_struct_na_base_pair.shear 
_ndb_struct_na_base_pair.stretch 
_ndb_struct_na_base_pair.stagger 
_ndb_struct_na_base_pair.buckle 
_ndb_struct_na_base_pair.propeller 
_ndb_struct_na_base_pair.opening 
_ndb_struct_na_base_pair.pair_number 
_ndb_struct_na_base_pair.pair_name 
_ndb_struct_na_base_pair.i_auth_asym_id 
_ndb_struct_na_base_pair.i_auth_seq_id 
_ndb_struct_na_base_pair.i_PDB_ins_code 
_ndb_struct_na_base_pair.j_auth_asym_id 
_ndb_struct_na_base_pair.j_auth_seq_id 
_ndb_struct_na_base_pair.j_PDB_ins_code 
_ndb_struct_na_base_pair.hbond_type_28 
_ndb_struct_na_base_pair.hbond_type_12 
1 A DC 1  1_555 B DG 10 1_555 0.283  -0.207 -0.058 -2.415  -1.972  -2.206 1 A_DC1:DG20_B  A 1  ? B 20 ? 19 1 
1 A DT 2  1_555 B DA 9  1_555 0.213  -0.119 -0.091 10.507  -12.803 1.980  2 A_DT2:DA19_B  A 2  ? B 19 ? 20 1 
1 A DA 3  1_555 B DT 8  1_555 0.035  -0.111 0.240  34.127  1.165   0.238  3 A_DA3:DT18_B  A 3  ? B 18 ? 20 1 
1 A DT 4  1_555 B DA 7  1_555 0.243  0.051  -0.391 27.814  10.063  11.670 4 A_DT4:DA17_B  A 4  ? B 17 ? 20 1 
1 A DA 6  1_555 B DT 5  1_555 -0.095 -0.104 0.570  7.291   2.141   -2.178 5 A_DA6:DT15_B  A 6  ? B 15 ? 20 1 
1 A DT 7  1_555 B DA 4  1_555 -0.373 -0.087 0.153  -11.030 -10.858 -3.080 6 A_DT7:DA14_B  A 7  ? B 14 ? 20 1 
1 A DT 8  1_555 B DA 3  1_555 0.016  -0.180 0.189  -18.463 -5.215  -1.582 7 A_DT8:DA13_B  A 8  ? B 13 ? 20 1 
1 A DC 9  1_555 B DG 2  1_555 0.503  -0.193 0.020  -7.679  2.457   -0.200 8 A_DC9:DG12_B  A 9  ? B 12 ? 19 1 
1 A DA 10 1_555 B DT 1  1_555 0.069  -0.042 0.295  20.119  3.305   1.254  9 A_DA10:DT11_B A 10 ? B 11 ? 20 1 
# 
loop_
_ndb_struct_na_base_pair_step.model_number 
_ndb_struct_na_base_pair_step.i_label_asym_id_1 
_ndb_struct_na_base_pair_step.i_label_comp_id_1 
_ndb_struct_na_base_pair_step.i_label_seq_id_1 
_ndb_struct_na_base_pair_step.i_symmetry_1 
_ndb_struct_na_base_pair_step.j_label_asym_id_1 
_ndb_struct_na_base_pair_step.j_label_comp_id_1 
_ndb_struct_na_base_pair_step.j_label_seq_id_1 
_ndb_struct_na_base_pair_step.j_symmetry_1 
_ndb_struct_na_base_pair_step.i_label_asym_id_2 
_ndb_struct_na_base_pair_step.i_label_comp_id_2 
_ndb_struct_na_base_pair_step.i_label_seq_id_2 
_ndb_struct_na_base_pair_step.i_symmetry_2 
_ndb_struct_na_base_pair_step.j_label_asym_id_2 
_ndb_struct_na_base_pair_step.j_label_comp_id_2 
_ndb_struct_na_base_pair_step.j_label_seq_id_2 
_ndb_struct_na_base_pair_step.j_symmetry_2 
_ndb_struct_na_base_pair_step.shift 
_ndb_struct_na_base_pair_step.slide 
_ndb_struct_na_base_pair_step.rise 
_ndb_struct_na_base_pair_step.tilt 
_ndb_struct_na_base_pair_step.roll 
_ndb_struct_na_base_pair_step.twist 
_ndb_struct_na_base_pair_step.x_displacement 
_ndb_struct_na_base_pair_step.y_displacement 
_ndb_struct_na_base_pair_step.helical_rise 
_ndb_struct_na_base_pair_step.inclination 
_ndb_struct_na_base_pair_step.tip 
_ndb_struct_na_base_pair_step.helical_twist 
_ndb_struct_na_base_pair_step.step_number 
_ndb_struct_na_base_pair_step.step_name 
_ndb_struct_na_base_pair_step.i_auth_asym_id_1 
_ndb_struct_na_base_pair_step.i_auth_seq_id_1 
_ndb_struct_na_base_pair_step.i_PDB_ins_code_1 
_ndb_struct_na_base_pair_step.j_auth_asym_id_1 
_ndb_struct_na_base_pair_step.j_auth_seq_id_1 
_ndb_struct_na_base_pair_step.j_PDB_ins_code_1 
_ndb_struct_na_base_pair_step.i_auth_asym_id_2 
_ndb_struct_na_base_pair_step.i_auth_seq_id_2 
_ndb_struct_na_base_pair_step.i_PDB_ins_code_2 
_ndb_struct_na_base_pair_step.j_auth_asym_id_2 
_ndb_struct_na_base_pair_step.j_auth_seq_id_2 
_ndb_struct_na_base_pair_step.j_PDB_ins_code_2 
1 A DC 1 1_555 B DG 10 1_555 A DT 2  1_555 B DA 9 1_555 0.285  0.227  3.064 3.403  8.662  31.795 -0.993 0.046  3.033 15.403  
-6.050 33.096 1 AA_DC1DT2:DA19DG20_BB  A 1 ? B 20 ? A 2  ? B 19 ? 
1 A DT 2 1_555 B DA 9  1_555 A DA 3  1_555 B DT 8 1_555 0.429  1.055  2.985 -3.907 -5.171 40.742 1.993  -0.983 2.785 -7.371  5.569 
41.233 2 AA_DT2DA3:DT18DA19_BB  A 2 ? B 19 ? A 3  ? B 18 ? 
1 A DA 3 1_555 B DT 8  1_555 A DT 4  1_555 B DA 7 1_555 0.741  -0.190 4.227 2.745  6.581  31.599 -1.846 -0.701 4.152 11.896  
-4.961 32.373 3 AA_DA3DT4:DA17DT18_BB  A 3 ? B 18 ? A 4  ? B 17 ? 
1 A DA 6 1_555 B DT 5  1_555 A DT 7  1_555 B DA 4 1_555 0.275  -0.782 4.403 0.610  -6.319 34.476 0.000  -0.331 4.476 -10.551 
-1.018 35.038 4 AA_DA6DT7:DA14DT15_BB  A 6 ? B 15 ? A 7  ? B 14 ? 
1 A DT 7 1_555 B DA 4  1_555 A DT 8  1_555 B DA 3 1_555 -0.063 -0.777 3.517 -0.183 -0.965 37.047 -1.083 0.072  3.535 -1.519  0.288 
37.059 5 AA_DT7DT8:DA13DA14_BB  A 7 ? B 14 ? A 8  ? B 13 ? 
1 A DT 8 1_555 B DA 3  1_555 A DC 9  1_555 B DG 2 1_555 -0.097 0.384  3.298 -2.828 4.155  36.113 0.029  -0.243 3.318 6.663   4.535 
36.450 6 AA_DT8DC9:DG12DA13_BB  A 8 ? B 13 ? A 9  ? B 12 ? 
1 A DC 9 1_555 B DG 2  1_555 A DA 10 1_555 B DT 1 1_555 0.176  -0.286 2.479 -1.397 11.965 27.690 -2.358 -0.549 2.161 23.634  2.759 
30.150 7 AA_DC9DA10:DT11DG12_BB A 9 ? B 12 ? A 10 ? B 11 ? 
# 
_pdbx_nmr_spectrometer.spectrometer_id   1 
_pdbx_nmr_spectrometer.model             DMX750 
_pdbx_nmr_spectrometer.manufacturer      Bruker 
_pdbx_nmr_spectrometer.field_strength    750 
# 
_atom_sites.entry_id                    1HM1 
_atom_sites.fract_transf_matrix[1][1]   1.000000 
_atom_sites.fract_transf_matrix[1][2]   0.000000 
_atom_sites.fract_transf_matrix[1][3]   0.000000 
_atom_sites.fract_transf_matrix[2][1]   0.000000 
_atom_sites.fract_transf_matrix[2][2]   1.000000 
_atom_sites.fract_transf_matrix[2][3]   0.000000 
_atom_sites.fract_transf_matrix[3][1]   0.000000 
_atom_sites.fract_transf_matrix[3][2]   0.000000 
_atom_sites.fract_transf_matrix[3][3]   1.000000 
_atom_sites.fract_transf_vector[1]      0.00000 
_atom_sites.fract_transf_vector[2]      0.00000 
_atom_sites.fract_transf_vector[3]      0.00000 
# 
loop_
_atom_type.symbol 
C 
H 
N 
O 
P 
# 
loop_
_atom_site.group_PDB 
_atom_site.id 
_atom_site.type_symbol 
_atom_site.label_atom_id 
_atom_site.label_alt_id 
_atom_site.label_comp_id 
_atom_site.label_asym_id 
_atom_site.label_entity_id 
_atom_site.label_seq_id 
_atom_site.pdbx_PDB_ins_code 
_atom_site.Cartn_x 
_atom_site.Cartn_y 
_atom_site.Cartn_z 
_atom_site.occupancy 
_atom_site.B_iso_or_equiv 
_atom_site.pdbx_formal_charge 
_atom_site.auth_seq_id 
_atom_site.auth_comp_id 
_atom_site.auth_asym_id 
_atom_site.auth_atom_id 
_atom_site.pdbx_PDB_model_num 
ATOM   1   O "O5'"  . DC  A 1 1  ? 16.643  10.953  5.429   1.00 1.33 ? 1  DC  A "O5'"  1 
ATOM   2   C "C5'"  . DC  A 1 1  ? 17.561  11.518  4.489   1.00 1.38 ? 1  DC  A "C5'"  1 
ATOM   3   C "C4'"  . DC  A 1 1  ? 17.722  10.625  3.257   1.00 1.20 ? 1  DC  A "C4'"  1 
ATOM   4   O "O4'"  . DC  A 1 1  ? 17.970  9.279   3.704   1.00 1.10 ? 1  DC  A "O4'"  1 
ATOM   5   C "C3'"  . DC  A 1 1  ? 16.434  10.606  2.474   1.00 1.09 ? 1  DC  A "C3'"  1 
ATOM   6   O "O3'"  . DC  A 1 1  ? 16.667  10.414  1.071   1.00 1.00 ? 1  DC  A "O3'"  1 
ATOM   7   C "C2'"  . DC  A 1 1  ? 15.703  9.459   3.081   1.00 0.95 ? 1  DC  A "C2'"  1 
ATOM   8   C "C1'"  . DC  A 1 1  ? 16.807  8.492   3.440   1.00 0.92 ? 1  DC  A "C1'"  1 
ATOM   9   N N1     . DC  A 1 1  ? 16.447  7.613   4.579   1.00 0.91 ? 1  DC  A N1     1 
ATOM   10  C C2     . DC  A 1 1  ? 16.871  6.291   4.530   1.00 0.87 ? 1  DC  A C2     1 
ATOM   11  O O2     . DC  A 1 1  ? 17.493  5.876   3.556   1.00 0.83 ? 1  DC  A O2     1 
ATOM   12  N N3     . DC  A 1 1  ? 16.572  5.479   5.580   1.00 0.89 ? 1  DC  A N3     1 
ATOM   13  C C4     . DC  A 1 1  ? 15.890  5.937   6.636   1.00 0.93 ? 1  DC  A C4     1 
ATOM   14  N N4     . DC  A 1 1  ? 15.615  5.112   7.647   1.00 0.96 ? 1  DC  A N4     1 
ATOM   15  C C5     . DC  A 1 1  ? 15.449  7.295   6.694   1.00 0.96 ? 1  DC  A C5     1 
ATOM   16  C C6     . DC  A 1 1  ? 15.744  8.093   5.649   1.00 0.96 ? 1  DC  A C6     1 
ATOM   17  H "H5'"  . DC  A 1 1  ? 18.523  11.618  4.959   1.00 1.48 ? 1  DC  A "H5'"  1 
ATOM   18  H "H5''" . DC  A 1 1  ? 17.197  12.512  4.196   1.00 1.47 ? 1  DC  A "H5''" 1 
ATOM   19  H "H4'"  . DC  A 1 1  ? 18.533  10.932  2.620   1.00 1.24 ? 1  DC  A "H4'"  1 
ATOM   20  H "H3'"  . DC  A 1 1  ? 15.895  11.541  2.652   1.00 1.21 ? 1  DC  A "H3'"  1 
ATOM   21  H "H2'"  . DC  A 1 1  ? 15.194  9.794   3.968   1.00 1.02 ? 1  DC  A "H2'"  1 
ATOM   22  H "H2''" . DC  A 1 1  ? 15.006  9.004   2.379   1.00 0.83 ? 1  DC  A "H2''" 1 
ATOM   23  H "H1'"  . DC  A 1 1  ? 17.032  7.902   2.577   1.00 0.82 ? 1  DC  A "H1'"  1 
ATOM   24  H H41    . DC  A 1 1  ? 15.921  4.149   7.611   1.00 0.97 ? 1  DC  A H41    1 
ATOM   25  H H42    . DC  A 1 1  ? 15.099  5.449   8.448   1.00 0.98 ? 1  DC  A H42    1 
ATOM   26  H H5     . DC  A 1 1  ? 14.913  7.676   7.564   1.00 1.00 ? 1  DC  A H5     1 
ATOM   27  H H6     . DC  A 1 1  ? 15.394  9.122   5.642   1.00 1.01 ? 1  DC  A H6     1 
ATOM   28  H "HO5'" . DC  A 1 1  ? 16.936  10.057  5.607   1.00 1.70 ? 1  DC  A "HO5'" 1 
ATOM   29  P P      . DT  A 1 2  ? 15.440  10.187  0.049   1.00 0.89 ? 2  DT  A P      1 
ATOM   30  O OP1    . DT  A 1 2  ? 15.794  10.809  -1.245  1.00 0.98 ? 2  DT  A OP1    1 
ATOM   31  O OP2    . DT  A 1 2  ? 14.182  10.570  0.731   1.00 0.98 ? 2  DT  A OP2    1 
ATOM   32  O "O5'"  . DT  A 1 2  ? 15.441  8.589   -0.143  1.00 0.61 ? 2  DT  A "O5'"  1 
ATOM   33  C "C5'"  . DT  A 1 2  ? 16.568  7.940   -0.737  1.00 0.55 ? 2  DT  A "C5'"  1 
ATOM   34  C "C4'"  . DT  A 1 2  ? 16.240  6.539   -1.230  1.00 0.47 ? 2  DT  A "C4'"  1 
ATOM   35  O "O4'"  . DT  A 1 2  ? 16.002  5.658   -0.104  1.00 0.43 ? 2  DT  A "O4'"  1 
ATOM   36  C "C3'"  . DT  A 1 2  ? 14.956  6.572   -2.022  1.00 0.50 ? 2  DT  A "C3'"  1 
ATOM   37  O "O3'"  . DT  A 1 2  ? 14.949  5.550   -3.030  1.00 0.48 ? 2  DT  A "O3'"  1 
ATOM   38  C "C2'"  . DT  A 1 2  ? 13.919  6.340   -0.984  1.00 0.50 ? 2  DT  A "C2'"  1 
ATOM   39  C "C1'"  . DT  A 1 2  ? 14.585  5.382   -0.024  1.00 0.43 ? 2  DT  A "C1'"  1 
ATOM   40  N N1     . DT  A 1 2  ? 14.093  5.444   1.384   1.00 0.45 ? 2  DT  A N1     1 
ATOM   41  C C2     . DT  A 1 2  ? 14.366  4.332   2.163   1.00 0.44 ? 2  DT  A C2     1 
ATOM   42  O O2     . DT  A 1 2  ? 14.989  3.364   1.727   1.00 0.44 ? 2  DT  A O2     1 
ATOM   43  N N3     . DT  A 1 2  ? 13.901  4.364   3.460   1.00 0.47 ? 2  DT  A N3     1 
ATOM   44  C C4     . DT  A 1 2  ? 13.192  5.392   4.047   1.00 0.51 ? 2  DT  A C4     1 
ATOM   45  O O4     . DT  A 1 2  ? 12.835  5.312   5.221   1.00 0.54 ? 2  DT  A O4     1 
ATOM   46  C C5     . DT  A 1 2  ? 12.945  6.508   3.162   1.00 0.53 ? 2  DT  A C5     1 
ATOM   47  C C7     . DT  A 1 2  ? 12.119  7.693   3.627   1.00 0.62 ? 2  DT  A C7     1 
ATOM   48  C C6     . DT  A 1 2  ? 13.390  6.512   1.901   1.00 0.50 ? 2  DT  A C6     1 
ATOM   49  H "H5'"  . DT  A 1 2  ? 17.352  7.870   -0.007  1.00 0.56 ? 2  DT  A "H5'"  1 
ATOM   50  H "H5''" . DT  A 1 2  ? 16.920  8.540   -1.579  1.00 0.59 ? 2  DT  A "H5''" 1 
ATOM   51  H "H4'"  . DT  A 1 2  ? 17.049  6.149   -1.838  1.00 0.44 ? 2  DT  A "H4'"  1 
ATOM   52  H "H3'"  . DT  A 1 2  ? 14.819  7.551   -2.458  1.00 0.56 ? 2  DT  A "H3'"  1 
ATOM   53  H "H2'"  . DT  A 1 2  ? 13.686  7.265   -0.495  1.00 0.55 ? 2  DT  A "H2'"  1 
ATOM   54  H "H2''" . DT  A 1 2  ? 13.038  5.910   -1.429  1.00 0.52 ? 2  DT  A "H2''" 1 
ATOM   55  H "H1'"  . DT  A 1 2  ? 14.417  4.385   -0.401  1.00 0.41 ? 2  DT  A "H1'"  1 
ATOM   56  H H3     . DT  A 1 2  ? 14.097  3.555   4.032   1.00 0.48 ? 2  DT  A H3     1 
ATOM   57  H H71    . DT  A 1 2  ? 11.222  7.768   3.006   1.00 0.96 ? 2  DT  A H71    1 
ATOM   58  H H72    . DT  A 1 2  ? 12.705  8.606   3.523   1.00 1.26 ? 2  DT  A H72    1 
ATOM   59  H H73    . DT  A 1 2  ? 11.833  7.553   4.665   1.00 1.06 ? 2  DT  A H73    1 
ATOM   60  H H6     . DT  A 1 2  ? 13.196  7.392   1.305   1.00 0.54 ? 2  DT  A H6     1 
ATOM   61  P P      . DA  A 1 3  ? 13.691  5.337   -4.019  1.00 0.57 ? 3  DA  A P      1 
ATOM   62  O OP1    . DA  A 1 3  ? 14.135  5.633   -5.400  1.00 0.80 ? 3  DA  A OP1    1 
ATOM   63  O OP2    . DA  A 1 3  ? 12.521  6.045   -3.454  1.00 0.57 ? 3  DA  A OP2    1 
ATOM   64  O "O5'"  . DA  A 1 3  ? 13.423  3.752   -3.905  1.00 0.49 ? 3  DA  A "O5'"  1 
ATOM   65  C "C5'"  . DA  A 1 3  ? 14.504  2.818   -4.017  1.00 0.49 ? 3  DA  A "C5'"  1 
ATOM   66  C "C4'"  . DA  A 1 3  ? 14.067  1.400   -3.697  1.00 0.47 ? 3  DA  A "C4'"  1 
ATOM   67  O "O4'"  . DA  A 1 3  ? 13.749  1.323   -2.292  1.00 0.47 ? 3  DA  A "O4'"  1 
ATOM   68  C "C3'"  . DA  A 1 3  ? 12.821  1.074   -4.465  1.00 0.49 ? 3  DA  A "C3'"  1 
ATOM   69  O "O3'"  . DA  A 1 3  ? 12.690  -0.323  -4.746  1.00 0.54 ? 3  DA  A "O3'"  1 
ATOM   70  C "C2'"  . DA  A 1 3  ? 11.775  1.543   -3.546  1.00 0.47 ? 3  DA  A "C2'"  1 
ATOM   71  C "C1'"  . DA  A 1 3  ? 12.323  1.270   -2.163  1.00 0.48 ? 3  DA  A "C1'"  1 
ATOM   72  N N9     . DA  A 1 3  ? 11.826  2.239   -1.161  1.00 0.50 ? 3  DA  A N9     1 
ATOM   73  C C8     . DA  A 1 3  ? 11.320  3.493   -1.321  1.00 0.50 ? 3  DA  A C8     1 
ATOM   74  N N7     . DA  A 1 3  ? 10.959  4.131   -0.261  1.00 0.55 ? 3  DA  A N7     1 
ATOM   75  C C5     . DA  A 1 3  ? 11.252  3.203   0.740   1.00 0.58 ? 3  DA  A C5     1 
ATOM   76  C C6     . DA  A 1 3  ? 11.108  3.235   2.127   1.00 0.66 ? 3  DA  A C6     1 
ATOM   77  N N6     . DA  A 1 3  ? 10.612  4.285   2.781   1.00 0.70 ? 3  DA  A N6     1 
ATOM   78  N N1     . DA  A 1 3  ? 11.493  2.146   2.812   1.00 0.70 ? 3  DA  A N1     1 
ATOM   79  C C2     . DA  A 1 3  ? 11.991  1.085   2.174   1.00 0.67 ? 3  DA  A C2     1 
ATOM   80  N N3     . DA  A 1 3  ? 12.171  0.948   0.866   1.00 0.60 ? 3  DA  A N3     1 
ATOM   81  C C4     . DA  A 1 3  ? 11.777  2.050   0.201   1.00 0.56 ? 3  DA  A C4     1 
ATOM   82  H "H5'"  . DA  A 1 3  ? 15.261  3.096   -3.315  1.00 0.52 ? 3  DA  A "H5'"  1 
ATOM   83  H "H5''" . DA  A 1 3  ? 14.905  2.856   -5.024  1.00 0.51 ? 3  DA  A "H5''" 1 
ATOM   84  H "H4'"  . DA  A 1 3  ? 14.840  0.689   -3.931  1.00 0.48 ? 3  DA  A "H4'"  1 
ATOM   85  H "H3'"  . DA  A 1 3  ? 12.788  1.651   -5.381  1.00 0.51 ? 3  DA  A "H3'"  1 
ATOM   86  H "H2'"  . DA  A 1 3  ? 11.633  2.599   -3.708  1.00 0.47 ? 3  DA  A "H2'"  1 
ATOM   87  H "H2''" . DA  A 1 3  ? 10.875  1.009   -3.700  1.00 0.48 ? 3  DA  A "H2''" 1 
ATOM   88  H "H1'"  . DA  A 1 3  ? 12.043  0.264   -1.869  1.00 0.51 ? 3  DA  A "H1'"  1 
ATOM   89  H H8     . DA  A 1 3  ? 11.209  3.937   -2.305  1.00 0.48 ? 3  DA  A H8     1 
ATOM   90  H H61    . DA  A 1 3  ? 10.522  4.258   3.787   1.00 0.76 ? 3  DA  A H61    1 
ATOM   91  H H62    . DA  A 1 3  ? 10.320  5.105   2.270   1.00 0.68 ? 3  DA  A H62    1 
ATOM   92  H H2     . DA  A 1 3  ? 12.280  0.237   2.796   1.00 0.72 ? 3  DA  A H2     1 
ATOM   93  P P      . DT  A 1 4  ? 11.283  -0.909  -5.278  1.00 0.58 ? 4  DT  A P      1 
ATOM   94  O OP1    . DT  A 1 4  ? 11.560  -2.130  -6.067  1.00 0.72 ? 4  DT  A OP1    1 
ATOM   95  O OP2    . DT  A 1 4  ? 10.510  0.201   -5.881  1.00 0.54 ? 4  DT  A OP2    1 
ATOM   96  O "O5'"  . DT  A 1 4  ? 10.558  -1.342  -3.907  1.00 0.56 ? 4  DT  A "O5'"  1 
ATOM   97  C "C5'"  . DT  A 1 4  ? 10.956  -2.553  -3.271  1.00 0.65 ? 4  DT  A "C5'"  1 
ATOM   98  C "C4'"  . DT  A 1 4  ? 9.799   -3.326  -2.674  1.00 0.70 ? 4  DT  A "C4'"  1 
ATOM   99  O "O4'"  . DT  A 1 4  ? 9.279   -2.645  -1.492  1.00 0.67 ? 4  DT  A "O4'"  1 
ATOM   100 C "C3'"  . DT  A 1 4  ? 8.622   -3.439  -3.624  1.00 0.67 ? 4  DT  A "C3'"  1 
ATOM   101 O "O3'"  . DT  A 1 4  ? 7.979   -4.706  -3.553  1.00 0.81 ? 4  DT  A "O3'"  1 
ATOM   102 C "C2'"  . DT  A 1 4  ? 7.697   -2.296  -3.256  1.00 0.56 ? 4  DT  A "C2'"  1 
ATOM   103 C "C1'"  . DT  A 1 4  ? 8.016   -1.979  -1.801  1.00 0.60 ? 4  DT  A "C1'"  1 
ATOM   104 N N1     . DT  A 1 4  ? 8.167   -0.514  -1.534  1.00 0.52 ? 4  DT  A N1     1 
ATOM   105 C C2     . DT  A 1 4  ? 7.971   -0.120  -0.217  1.00 0.62 ? 4  DT  A C2     1 
ATOM   106 O O2     . DT  A 1 4  ? 7.898   -0.933  0.703   1.00 0.74 ? 4  DT  A O2     1 
ATOM   107 N N3     . DT  A 1 4  ? 7.865   1.237   0.014   1.00 0.63 ? 4  DT  A N3     1 
ATOM   108 C C4     . DT  A 1 4  ? 7.918   2.228   -0.943  1.00 0.57 ? 4  DT  A C4     1 
ATOM   109 O O4     . DT  A 1 4  ? 7.758   3.405   -0.617  1.00 0.65 ? 4  DT  A O4     1 
ATOM   110 C C5     . DT  A 1 4  ? 8.145   1.740   -2.290  1.00 0.47 ? 4  DT  A C5     1 
ATOM   111 C C7     . DT  A 1 4  ? 8.092   2.710   -3.470  1.00 0.49 ? 4  DT  A C7     1 
ATOM   112 C C6     . DT  A 1 4  ? 8.292   0.421   -2.544  1.00 0.43 ? 4  DT  A C6     1 
ATOM   113 H "H5'"  . DT  A 1 4  ? 11.659  -2.348  -2.490  1.00 0.65 ? 4  DT  A "H5'"  1 
ATOM   114 H "H5''" . DT  A 1 4  ? 11.449  -3.188  -4.011  1.00 0.72 ? 4  DT  A "H5''" 1 
ATOM   115 H "H4'"  . DT  A 1 4  ? 10.156  -4.304  -2.370  1.00 0.82 ? 4  DT  A "H4'"  1 
ATOM   116 H "H3'"  . DT  A 1 4  ? 8.991   -3.273  -4.651  1.00 0.67 ? 4  DT  A "H3'"  1 
ATOM   117 H "H2'"  . DT  A 1 4  ? 7.802   -1.423  -3.863  1.00 0.47 ? 4  DT  A "H2'"  1 
ATOM   118 H "H2''" . DT  A 1 4  ? 6.666   -2.683  -3.341  1.00 0.58 ? 4  DT  A "H2''" 1 
ATOM   119 H "H1'"  . DT  A 1 4  ? 7.198   -2.349  -1.182  1.00 0.69 ? 4  DT  A "H1'"  1 
ATOM   120 H H3     . DT  A 1 4  ? 7.737   1.527   0.973   1.00 0.74 ? 4  DT  A H3     1 
ATOM   121 H H71    . DT  A 1 4  ? 7.957   3.725   -3.104  1.00 1.15 ? 4  DT  A H71    1 
ATOM   122 H H72    . DT  A 1 4  ? 7.249   2.444   -4.115  1.00 0.74 ? 4  DT  A H72    1 
ATOM   123 H H73    . DT  A 1 4  ? 9.016   2.644   -4.041  1.00 1.08 ? 4  DT  A H73    1 
ATOM   124 H H6     . DT  A 1 4  ? 8.690   0.119   -3.519  1.00 0.42 ? 4  DT  A H6     1 
HETATM 125 C C3A    . FAG A 1 5  ? 2.735   2.677   1.303   1.00 1.81 ? 5  FAG A C3A    1 
HETATM 126 C C3     . FAG A 1 5  ? 2.404   2.600   2.746   1.00 2.13 ? 5  FAG A C3     1 
HETATM 127 C C2A    . FAG A 1 5  ? 1.864   4.024   3.059   1.00 2.45 ? 5  FAG A C2A    1 
HETATM 128 C C1     . FAG A 1 5  ? 1.932   4.798   1.713   1.00 2.32 ? 5  FAG A C1     1 
HETATM 129 O O1     . FAG A 1 5  ? 1.594   5.938   1.553   1.00 2.54 ? 5  FAG A O1     1 
HETATM 130 P P      . FAG A 1 5  ? 6.937   -5.139  -4.704  1.00 0.89 ? 5  FAG A P      1 
HETATM 131 O O1P    . FAG A 1 5  ? 7.282   -6.505  -5.157  1.00 1.05 ? 5  FAG A O1P    1 
HETATM 132 O O2P    . FAG A 1 5  ? 6.825   -4.037  -5.686  1.00 0.80 ? 5  FAG A O2P    1 
HETATM 133 O "O5'"  . FAG A 1 5  ? 5.575   -5.212  -3.871  1.00 0.91 ? 5  FAG A "O5'"  1 
HETATM 134 C "C5'"  . FAG A 1 5  ? 5.641   -5.641  -2.516  1.00 0.95 ? 5  FAG A "C5'"  1 
HETATM 135 C "C4'"  . FAG A 1 5  ? 4.346   -6.227  -2.029  1.00 1.00 ? 5  FAG A "C4'"  1 
HETATM 136 O "O4'"  . FAG A 1 5  ? 3.564   -5.195  -1.398  1.00 0.88 ? 5  FAG A "O4'"  1 
HETATM 137 C "C1'"  . FAG A 1 5  ? 2.500   -4.820  -2.290  1.00 0.69 ? 5  FAG A "C1'"  1 
HETATM 138 N N9     . FAG A 1 5  ? 2.433   -3.372  -2.446  1.00 0.52 ? 5  FAG A N9     1 
HETATM 139 C C4     . FAG A 1 5  ? 2.285   -2.503  -1.395  1.00 0.64 ? 5  FAG A C4     1 
HETATM 140 N N3     . FAG A 1 5  ? 2.277   -2.907  -0.095  1.00 0.83 ? 5  FAG A N3     1 
HETATM 141 C C2     . FAG A 1 5  ? 1.666   -2.046  0.716   1.00 0.92 ? 5  FAG A C2     1 
HETATM 142 N N2     . FAG A 1 5  ? 1.526   -2.324  2.011   1.00 1.10 ? 5  FAG A N2     1 
HETATM 143 N N1     . FAG A 1 5  ? 1.123   -0.865  0.291   1.00 0.88 ? 5  FAG A N1     1 
HETATM 144 C C6     . FAG A 1 5  ? 1.145   -0.402  -1.008  1.00 0.74 ? 5  FAG A C6     1 
HETATM 145 O O6     . FAG A 1 5  ? 0.639   0.682   -1.277  1.00 0.79 ? 5  FAG A O6     1 
HETATM 146 C C5     . FAG A 1 5  ? 1.787   -1.307  -1.896  1.00 0.58 ? 5  FAG A C5     1 
HETATM 147 N N7     . FAG A 1 5  ? 1.967   -0.829  -3.196  1.00 0.47 ? 5  FAG A N7     1 
HETATM 148 C C8     . FAG A 1 5  ? 1.029   -1.408  -4.026  1.00 0.39 ? 5  FAG A C8     1 
HETATM 149 O O8     . FAG A 1 5  ? -0.143  -1.256  -3.823  1.00 0.43 ? 5  FAG A O8     1 
HETATM 150 C "C2'"  . FAG A 1 5  ? 2.775   -5.526  -3.596  1.00 0.71 ? 5  FAG A "C2'"  1 
HETATM 151 C "C3'"  . FAG A 1 5  ? 3.566   -6.730  -3.206  1.00 0.97 ? 5  FAG A "C3'"  1 
HETATM 152 O "O3'"  . FAG A 1 5  ? 2.758   -7.874  -2.851  1.00 1.15 ? 5  FAG A "O3'"  1 
HETATM 153 C C8A    . FAG A 1 5  ? 3.067   -0.501  -3.954  1.00 0.44 ? 5  FAG A C8A    1 
HETATM 154 C C9     . FAG A 1 5  ? 3.616   0.964   -4.035  1.00 0.66 ? 5  FAG A C9     1 
HETATM 155 O O9     . FAG A 1 5  ? 4.355   1.235   -5.207  1.00 0.69 ? 5  FAG A O9     1 
HETATM 156 C C9A    . FAG A 1 5  ? 4.548   0.671   -2.824  1.00 0.68 ? 5  FAG A C9A    1 
HETATM 157 C C9B    . FAG A 1 5  ? 4.094   0.824   -1.450  1.00 0.94 ? 5  FAG A C9B    1 
HETATM 158 O O7     . FAG A 1 5  ? 4.457   -0.903  -4.001  1.00 0.38 ? 5  FAG A O7     1 
HETATM 159 C C6A    . FAG A 1 5  ? 5.084   -0.571  -2.955  1.00 0.52 ? 5  FAG A C6A    1 
HETATM 160 O O6A    . FAG A 1 5  ? 4.895   -1.262  -1.776  1.00 0.72 ? 5  FAG A O6A    1 
HETATM 161 C C5M    . FAG A 1 5  ? 4.366   -0.337  -0.897  1.00 0.94 ? 5  FAG A C5M    1 
HETATM 162 C C5B    . FAG A 1 5  ? 4.090   -0.626  0.353   1.00 1.20 ? 5  FAG A C5B    1 
HETATM 163 C C4B    . FAG A 1 5  ? 3.550   0.387   1.151   1.00 1.46 ? 5  FAG A C4B    1 
HETATM 164 O O4     . FAG A 1 5  ? 3.291   0.200   2.467   1.00 1.76 ? 5  FAG A O4     1 
HETATM 165 C CM     . FAG A 1 5  ? 3.727   -0.953  3.173   1.00 1.76 ? 5  FAG A CM     1 
HETATM 166 C C4A    . FAG A 1 5  ? 3.267   1.647   0.573   1.00 1.49 ? 5  FAG A C4A    1 
HETATM 167 C CAA    . FAG A 1 5  ? 3.547   1.860   -0.765  1.00 1.25 ? 5  FAG A CAA    1 
HETATM 168 O O10    . FAG A 1 5  ? 3.291   3.071   -1.357  1.00 1.40 ? 5  FAG A O10    1 
HETATM 169 C C11    . FAG A 1 5  ? 2.735   4.145   -0.623  1.00 1.77 ? 5  FAG A C11    1 
HETATM 170 O O11    . FAG A 1 5  ? 2.538   5.172   -1.210  1.00 1.94 ? 5  FAG A O11    1 
HETATM 171 C CBA    . FAG A 1 5  ? 2.469   3.881   0.762   1.00 1.94 ? 5  FAG A CBA    1 
HETATM 172 H H31    . FAG A 1 5  ? 3.298   2.349   3.327   1.00 2.19 ? 5  FAG A H31    1 
HETATM 173 H H32    . FAG A 1 5  ? 1.628   1.856   2.913   1.00 2.11 ? 5  FAG A H32    1 
HETATM 174 H H2A1   . FAG A 1 5  ? 2.493   4.542   3.810   1.00 2.67 ? 5  FAG A H2A1   1 
HETATM 175 H H2A2   . FAG A 1 5  ? 0.824   3.964   3.404   1.00 2.56 ? 5  FAG A H2A2   1 
HETATM 176 H "H5'1" . FAG A 1 5  ? 5.900   -4.786  -1.899  1.00 0.90 ? 5  FAG A "H5'1" 1 
HETATM 177 H "H5'2" . FAG A 1 5  ? 6.401   -6.403  -2.441  1.00 1.01 ? 5  FAG A "H5'2" 1 
HETATM 178 H "H4'"  . FAG A 1 5  ? 4.535   -7.034  -1.324  1.00 1.20 ? 5  FAG A "H4'"  1 
HETATM 179 H "H1'"  . FAG A 1 5  ? 1.555   -5.169  -1.875  1.00 0.78 ? 5  FAG A "H1'"  1 
HETATM 180 H HN9    . FAG A 1 5  ? 2.674   -2.985  -3.345  1.00 0.40 ? 5  FAG A HN9    1 
HETATM 181 H HN21   . FAG A 1 5  ? 1.884   -3.191  2.383   1.00 1.17 ? 5  FAG A HN21   1 
HETATM 182 H HN22   . FAG A 1 5  ? 1.057   -1.667  2.618   1.00 1.18 ? 5  FAG A HN22   1 
HETATM 183 H H1     . FAG A 1 5  ? 0.664   -0.269  0.961   1.00 0.99 ? 5  FAG A H1     1 
HETATM 184 H H8     . FAG A 1 5  ? 1.382   -1.987  -4.870  1.00 0.36 ? 5  FAG A H8     1 
HETATM 185 H "H2'1" . FAG A 1 5  ? 3.356   -4.884  -4.247  1.00 0.62 ? 5  FAG A "H2'1" 1 
HETATM 186 H "H2'2" . FAG A 1 5  ? 1.870   -5.822  -4.077  1.00 0.71 ? 5  FAG A "H2'2" 1 
HETATM 187 H "H3'"  . FAG A 1 5  ? 4.262   -6.985  -4.001  1.00 1.04 ? 5  FAG A "H3'"  1 
HETATM 188 H H8A    . FAG A 1 5  ? 2.874   -0.741  -4.967  1.00 0.43 ? 5  FAG A H8A    1 
HETATM 189 H H9     . FAG A 1 5  ? 2.851   1.708   -3.784  1.00 0.84 ? 5  FAG A H9     1 
HETATM 190 H HO9    . FAG A 1 5  ? 4.844   2.051   -5.076  1.00 0.81 ? 5  FAG A HO9    1 
HETATM 191 H H9A    . FAG A 1 5  ? 5.355   1.371   -2.917  1.00 0.75 ? 5  FAG A H9A    1 
HETATM 192 H H6A    . FAG A 1 5  ? 6.117   -0.471  -3.168  1.00 0.50 ? 5  FAG A H6A    1 
HETATM 193 H H5B    . FAG A 1 5  ? 4.343   -1.599  0.699   1.00 1.26 ? 5  FAG A H5B    1 
HETATM 194 H HM1    . FAG A 1 5  ? 3.071   -1.123  4.029   1.00 2.01 ? 5  FAG A HM1    1 
HETATM 195 H HM2    . FAG A 1 5  ? 4.745   -0.802  3.529   1.00 1.82 ? 5  FAG A HM2    1 
HETATM 196 H HM3    . FAG A 1 5  ? 3.698   -1.823  2.520   1.00 2.03 ? 5  FAG A HM3    1 
ATOM   197 P P      . DA  A 1 6  ? 1.232   -8.078  -3.352  1.00 0.84 ? 6  DA  A P      1 
ATOM   198 O OP1    . DA  A 1 6  ? 0.986   -9.531  -3.494  1.00 0.97 ? 6  DA  A OP1    1 
ATOM   199 O OP2    . DA  A 1 6  ? 0.968   -7.175  -4.495  1.00 0.83 ? 6  DA  A OP2    1 
ATOM   200 O "O5'"  . DA  A 1 6  ? 0.395   -7.553  -2.084  1.00 0.81 ? 6  DA  A "O5'"  1 
ATOM   201 C "C5'"  . DA  A 1 6  ? 0.758   -7.993  -0.772  1.00 0.87 ? 6  DA  A "C5'"  1 
ATOM   202 C "C4'"  . DA  A 1 6  ? -0.435  -7.967  0.195   1.00 0.82 ? 6  DA  A "C4'"  1 
ATOM   203 O "O4'"  . DA  A 1 6  ? -0.874  -6.601  0.353   1.00 0.78 ? 6  DA  A "O4'"  1 
ATOM   204 C "C3'"  . DA  A 1 6  ? -1.605  -8.741  -0.354  1.00 0.72 ? 6  DA  A "C3'"  1 
ATOM   205 O "O3'"  . DA  A 1 6  ? -2.391  -9.317  0.707   1.00 0.75 ? 6  DA  A "O3'"  1 
ATOM   206 C "C2'"  . DA  A 1 6  ? -2.338  -7.703  -1.123  1.00 0.61 ? 6  DA  A "C2'"  1 
ATOM   207 C "C1'"  . DA  A 1 6  ? -2.110  -6.429  -0.357  1.00 0.66 ? 6  DA  A "C1'"  1 
ATOM   208 N N9     . DA  A 1 6  ? -2.075  -5.235  -1.239  1.00 0.63 ? 6  DA  A N9     1 
ATOM   209 C C8     . DA  A 1 6  ? -1.645  -5.096  -2.525  1.00 0.65 ? 6  DA  A C8     1 
ATOM   210 N N7     . DA  A 1 6  ? -1.741  -3.926  -3.062  1.00 0.68 ? 6  DA  A N7     1 
ATOM   211 C C5     . DA  A 1 6  ? -2.300  -3.180  -2.020  1.00 0.63 ? 6  DA  A C5     1 
ATOM   212 C C6     . DA  A 1 6  ? -2.671  -1.834  -1.910  1.00 0.64 ? 6  DA  A C6     1 
ATOM   213 N N6     . DA  A 1 6  ? -2.539  -0.959  -2.906  1.00 0.71 ? 6  DA  A N6     1 
ATOM   214 N N1     . DA  A 1 6  ? -3.189  -1.426  -0.738  1.00 0.59 ? 6  DA  A N1     1 
ATOM   215 C C2     . DA  A 1 6  ? -3.336  -2.290  0.269   1.00 0.56 ? 6  DA  A C2     1 
ATOM   216 N N3     . DA  A 1 6  ? -3.023  -3.581  0.275   1.00 0.58 ? 6  DA  A N3     1 
ATOM   217 C C4     . DA  A 1 6  ? -2.504  -3.966  -0.909  1.00 0.60 ? 6  DA  A C4     1 
ATOM   218 H "H5'"  . DA  A 1 6  ? 1.520   -7.326  -0.383  1.00 0.94 ? 6  DA  A "H5'"  1 
ATOM   219 H "H5''" . DA  A 1 6  ? 1.171   -9.011  -0.851  1.00 0.91 ? 6  DA  A "H5''" 1 
ATOM   220 H "H4'"  . DA  A 1 6  ? -0.177  -8.361  1.160   1.00 0.89 ? 6  DA  A "H4'"  1 
ATOM   221 H "H3'"  . DA  A 1 6  ? -1.250  -9.517  -1.025  1.00 0.72 ? 6  DA  A "H3'"  1 
ATOM   222 H "H2'"  . DA  A 1 6  ? -1.915  -7.611  -2.084  1.00 0.61 ? 6  DA  A "H2'"  1 
ATOM   223 H "H2''" . DA  A 1 6  ? -3.384  -7.944  -1.193  1.00 0.55 ? 6  DA  A "H2''" 1 
ATOM   224 H "H1'"  . DA  A 1 6  ? -2.895  -6.326  0.355   1.00 0.64 ? 6  DA  A "H1'"  1 
ATOM   225 H H8     . DA  A 1 6  ? -1.224  -5.935  -3.083  1.00 0.67 ? 6  DA  A H8     1 
ATOM   226 H H61    . DA  A 1 6  ? -2.821  0.002   -2.778  1.00 0.73 ? 6  DA  A H61    1 
ATOM   227 H H62    . DA  A 1 6  ? -2.148  -1.255  -3.790  1.00 0.76 ? 6  DA  A H62    1 
ATOM   228 H H2     . DA  A 1 6  ? -3.763  -1.889  1.190   1.00 0.55 ? 6  DA  A H2     1 
ATOM   229 P P      . DT  A 1 7  ? -4.003  -9.410  0.635   1.00 0.68 ? 7  DT  A P      1 
ATOM   230 O OP1    . DT  A 1 7  ? -4.453  -10.424 1.614   1.00 0.80 ? 7  DT  A OP1    1 
ATOM   231 O OP2    . DT  A 1 7  ? -4.410  -9.519  -0.783  1.00 0.58 ? 7  DT  A OP2    1 
ATOM   232 O "O5'"  . DT  A 1 7  ? -4.439  -7.959  1.177   1.00 0.62 ? 7  DT  A "O5'"  1 
ATOM   233 C "C5'"  . DT  A 1 7  ? -3.981  -7.520  2.457   1.00 0.72 ? 7  DT  A "C5'"  1 
ATOM   234 C "C4'"  . DT  A 1 7  ? -4.888  -6.456  3.069   1.00 0.66 ? 7  DT  A "C4'"  1 
ATOM   235 O "O4'"  . DT  A 1 7  ? -4.912  -5.276  2.211   1.00 0.61 ? 7  DT  A "O4'"  1 
ATOM   236 C "C3'"  . DT  A 1 7  ? -6.322  -6.977  3.115   1.00 0.60 ? 7  DT  A "C3'"  1 
ATOM   237 O "O3'"  . DT  A 1 7  ? -7.045  -6.445  4.238   1.00 0.62 ? 7  DT  A "O3'"  1 
ATOM   238 C "C2'"  . DT  A 1 7  ? -6.895  -6.518  1.807   1.00 0.50 ? 7  DT  A "C2'"  1 
ATOM   239 C "C1'"  . DT  A 1 7  ? -6.210  -5.188  1.577   1.00 0.50 ? 7  DT  A "C1'"  1 
ATOM   240 N N1     . DT  A 1 7  ? -6.165  -4.784  0.140   1.00 0.45 ? 7  DT  A N1     1 
ATOM   241 C C2     . DT  A 1 7  ? -6.607  -3.501  -0.157  1.00 0.41 ? 7  DT  A C2     1 
ATOM   242 O O2     . DT  A 1 7  ? -6.993  -2.722  0.712   1.00 0.42 ? 7  DT  A O2     1 
ATOM   243 N N3     . DT  A 1 7  ? -6.594  -3.142  -1.489  1.00 0.38 ? 7  DT  A N3     1 
ATOM   244 C C4     . DT  A 1 7  ? -6.186  -3.932  -2.542  1.00 0.40 ? 7  DT  A C4     1 
ATOM   245 O O4     . DT  A 1 7  ? -6.211  -3.498  -3.692  1.00 0.41 ? 7  DT  A O4     1 
ATOM   246 C C5     . DT  A 1 7  ? -5.749  -5.250  -2.156  1.00 0.43 ? 7  DT  A C5     1 
ATOM   247 C C7     . DT  A 1 7  ? -5.340  -6.235  -3.255  1.00 0.47 ? 7  DT  A C7     1 
ATOM   248 C C6     . DT  A 1 7  ? -5.745  -5.632  -0.850  1.00 0.45 ? 7  DT  A C6     1 
ATOM   249 H "H5'"  . DT  A 1 7  ? -2.971  -7.113  2.360   1.00 0.78 ? 7  DT  A "H5'"  1 
ATOM   250 H "H5''" . DT  A 1 7  ? -3.948  -8.378  3.130   1.00 0.79 ? 7  DT  A "H5''" 1 
ATOM   251 H "H4'"  . DT  A 1 7  ? -4.546  -6.189  4.067   1.00 0.72 ? 7  DT  A "H4'"  1 
ATOM   252 H "H3'"  . DT  A 1 7  ? -6.316  -8.070  3.150   1.00 0.64 ? 7  DT  A "H3'"  1 
ATOM   253 H "H2'"  . DT  A 1 7  ? -6.648  -7.239  1.032   1.00 0.50 ? 7  DT  A "H2'"  1 
ATOM   254 H "H2''" . DT  A 1 7  ? -7.969  -6.376  1.869   1.00 0.46 ? 7  DT  A "H2''" 1 
ATOM   255 H "H1'"  . DT  A 1 7  ? -6.775  -4.437  2.120   1.00 0.48 ? 7  DT  A "H1'"  1 
ATOM   256 H H3     . DT  A 1 7  ? -6.903  -2.207  -1.713  1.00 0.37 ? 7  DT  A H3     1 
ATOM   257 H H71    . DT  A 1 7  ? -4.311  -6.551  -3.104  1.00 0.97 ? 7  DT  A H71    1 
ATOM   258 H H72    . DT  A 1 7  ? -5.429  -5.746  -4.229  1.00 0.89 ? 7  DT  A H72    1 
ATOM   259 H H73    . DT  A 1 7  ? -5.998  -7.103  -3.230  1.00 1.08 ? 7  DT  A H73    1 
ATOM   260 H H6     . DT  A 1 7  ? -5.411  -6.623  -0.583  1.00 0.49 ? 7  DT  A H6     1 
ATOM   261 P P      . DT  A 1 8  ? -8.647  -6.252  4.181   1.00 0.56 ? 8  DT  A P      1 
ATOM   262 O OP1    . DT  A 1 8  ? -9.139  -6.039  5.561   1.00 0.62 ? 8  DT  A OP1    1 
ATOM   263 O OP2    . DT  A 1 8  ? -9.223  -7.332  3.349   1.00 0.54 ? 8  DT  A OP2    1 
ATOM   264 O "O5'"  . DT  A 1 8  ? -8.783  -4.864  3.374   1.00 0.46 ? 8  DT  A "O5'"  1 
ATOM   265 C "C5'"  . DT  A 1 8  ? -8.321  -3.658  3.982   1.00 0.50 ? 8  DT  A "C5'"  1 
ATOM   266 C "C4'"  . DT  A 1 8  ? -9.344  -2.532  3.894   1.00 0.48 ? 8  DT  A "C4'"  1 
ATOM   267 O "O4'"  . DT  A 1 8  ? -9.357  -1.968  2.558   1.00 0.41 ? 8  DT  A "O4'"  1 
ATOM   268 C "C3'"  . DT  A 1 8  ? -10.752 -3.050  4.150   1.00 0.48 ? 8  DT  A "C3'"  1 
ATOM   269 O "O3'"  . DT  A 1 8  ? -11.575 -2.059  4.774   1.00 0.53 ? 8  DT  A "O3'"  1 
ATOM   270 C "C2'"  . DT  A 1 8  ? -11.244 -3.397  2.775   1.00 0.41 ? 8  DT  A "C2'"  1 
ATOM   271 C "C1'"  . DT  A 1 8  ? -10.575 -2.365  1.884   1.00 0.36 ? 8  DT  A "C1'"  1 
ATOM   272 N N1     . DT  A 1 8  ? -10.313 -2.875  0.520   1.00 0.28 ? 8  DT  A N1     1 
ATOM   273 C C2     . DT  A 1 8  ? -10.563 -2.011  -0.532  1.00 0.24 ? 8  DT  A C2     1 
ATOM   274 O O2     . DT  A 1 8  ? -10.978 -0.868  -0.359  1.00 0.27 ? 8  DT  A O2     1 
ATOM   275 N N3     . DT  A 1 8  ? -10.322 -2.511  -1.796  1.00 0.18 ? 8  DT  A N3     1 
ATOM   276 C C4     . DT  A 1 8  ? -9.863  -3.778  -2.097  1.00 0.17 ? 8  DT  A C4     1 
ATOM   277 O O4     . DT  A 1 8  ? -9.683  -4.115  -3.265  1.00 0.16 ? 8  DT  A O4     1 
ATOM   278 C C5     . DT  A 1 8  ? -9.635  -4.609  -0.939  1.00 0.22 ? 8  DT  A C5     1 
ATOM   279 C C7     . DT  A 1 8  ? -9.159  -6.042  -1.123  1.00 0.24 ? 8  DT  A C7     1 
ATOM   280 C C6     . DT  A 1 8  ? -9.857  -4.146  0.304   1.00 0.27 ? 8  DT  A C6     1 
ATOM   281 H "H5'"  . DT  A 1 8  ? -7.393  -3.334  3.507   1.00 0.51 ? 8  DT  A "H5'"  1 
ATOM   282 H "H5''" . DT  A 1 8  ? -8.119  -3.858  5.032   1.00 0.57 ? 8  DT  A "H5''" 1 
ATOM   283 H "H4'"  . DT  A 1 8  ? -9.102  -1.764  4.602   1.00 0.53 ? 8  DT  A "H4'"  1 
ATOM   284 H "H3'"  . DT  A 1 8  ? -10.707 -3.952  4.768   1.00 0.52 ? 8  DT  A "H3'"  1 
ATOM   285 H "H2'"  . DT  A 1 8  ? -10.930 -4.396  2.501   1.00 0.39 ? 8  DT  A "H2'"  1 
ATOM   286 H "H2''" . DT  A 1 8  ? -12.327 -3.307  2.717   1.00 0.42 ? 8  DT  A "H2''" 1 
ATOM   287 H "H1'"  . DT  A 1 8  ? -11.221 -1.497  1.817   1.00 0.37 ? 8  DT  A "H1'"  1 
ATOM   288 H H3     . DT  A 1 8  ? -10.485 -1.886  -2.571  1.00 0.16 ? 8  DT  A H3     1 
ATOM   289 H H71    . DT  A 1 8  ? -9.931  -6.725  -0.769  1.00 0.38 ? 8  DT  A H71    1 
ATOM   290 H H72    . DT  A 1 8  ? -8.246  -6.196  -0.552  1.00 0.75 ? 8  DT  A H72    1 
ATOM   291 H H73    . DT  A 1 8  ? -8.967  -6.227  -2.179  1.00 0.67 ? 8  DT  A H73    1 
ATOM   292 H H6     . DT  A 1 8  ? -9.664  -4.795  1.151   1.00 0.32 ? 8  DT  A H6     1 
ATOM   293 P P      . DC  A 1 9  ? -13.154 -2.308  4.990   1.00 0.57 ? 9  DC  A P      1 
ATOM   294 O OP1    . DC  A 1 9  ? -13.533 -1.760  6.312   1.00 0.65 ? 9  DC  A OP1    1 
ATOM   295 O OP2    . DC  A 1 9  ? -13.461 -3.718  4.660   1.00 0.57 ? 9  DC  A OP2    1 
ATOM   296 O "O5'"  . DC  A 1 9  ? -13.800 -1.373  3.852   1.00 0.55 ? 9  DC  A "O5'"  1 
ATOM   297 C "C5'"  . DC  A 1 9  ? -13.473 0.017   3.813   1.00 0.56 ? 9  DC  A "C5'"  1 
ATOM   298 C "C4'"  . DC  A 1 9  ? -14.408 0.810   2.905   1.00 0.56 ? 9  DC  A "C4'"  1 
ATOM   299 O "O4'"  . DC  A 1 9  ? -14.101 0.509   1.523   1.00 0.47 ? 9  DC  A "O4'"  1 
ATOM   300 C "C3'"  . DC  A 1 9  ? -15.854 0.395   3.126   1.00 0.62 ? 9  DC  A "C3'"  1 
ATOM   301 O "O3'"  . DC  A 1 9  ? -16.759 1.474   2.848   1.00 0.68 ? 9  DC  A "O3'"  1 
ATOM   302 C "C2'"  . DC  A 1 9  ? -16.022 -0.731  2.155   1.00 0.57 ? 9  DC  A "C2'"  1 
ATOM   303 C "C1'"  . DC  A 1 9  ? -15.145 -0.334  0.988   1.00 0.47 ? 9  DC  A "C1'"  1 
ATOM   304 N N1     . DC  A 1 9  ? -14.589 -1.491  0.236   1.00 0.40 ? 9  DC  A N1     1 
ATOM   305 C C2     . DC  A 1 9  ? -14.487 -1.342  -1.142  1.00 0.36 ? 9  DC  A C2     1 
ATOM   306 O O2     . DC  A 1 9  ? -14.856 -0.300  -1.681  1.00 0.39 ? 9  DC  A O2     1 
ATOM   307 N N3     . DC  A 1 9  ? -13.977 -2.371  -1.871  1.00 0.31 ? 9  DC  A N3     1 
ATOM   308 C C4     . DC  A 1 9  ? -13.585 -3.505  -1.279  1.00 0.31 ? 9  DC  A C4     1 
ATOM   309 N N4     . DC  A 1 9  ? -13.076 -4.489  -2.022  1.00 0.29 ? 9  DC  A N4     1 
ATOM   310 C C5     . DC  A 1 9  ? -13.691 -3.669  0.136   1.00 0.35 ? 9  DC  A C5     1 
ATOM   311 C C6     . DC  A 1 9  ? -14.191 -2.644  0.853   1.00 0.40 ? 9  DC  A C6     1 
ATOM   312 H "H5'"  . DC  A 1 9  ? -12.454 0.123   3.448   1.00 0.53 ? 9  DC  A "H5'"  1 
ATOM   313 H "H5''" . DC  A 1 9  ? -13.536 0.419   4.821   1.00 0.63 ? 9  DC  A "H5''" 1 
ATOM   314 H "H4'"  . DC  A 1 9  ? -14.290 1.878   3.083   1.00 0.60 ? 9  DC  A "H4'"  1 
ATOM   315 H "H3'"  . DC  A 1 9  ? -15.988 0.034   4.149   1.00 0.67 ? 9  DC  A "H3'"  1 
ATOM   316 H "H2'"  . DC  A 1 9  ? -15.674 -1.639  2.606   1.00 0.57 ? 9  DC  A "H2'"  1 
ATOM   317 H "H2''" . DC  A 1 9  ? -17.054 -0.835  1.837   1.00 0.61 ? 9  DC  A "H2''" 1 
ATOM   318 H "H1'"  . DC  A 1 9  ? -15.747 0.257   0.317   1.00 0.49 ? 9  DC  A "H1'"  1 
ATOM   319 H H41    . DC  A 1 9  ? -13.001 -4.377  -3.023  1.00 0.28 ? 9  DC  A H41    1 
ATOM   320 H H42    . DC  A 1 9  ? -12.767 -5.346  -1.584  1.00 0.31 ? 9  DC  A H42    1 
ATOM   321 H H5     . DC  A 1 9  ? -13.402 -4.602  0.619   1.00 0.37 ? 9  DC  A H5     1 
ATOM   322 H H6     . DC  A 1 9  ? -14.262 -2.736  1.930   1.00 0.45 ? 9  DC  A H6     1 
ATOM   323 P P      . DA  A 1 10 ? -18.347 1.214   2.729   1.00 0.81 ? 10 DA  A P      1 
ATOM   324 O OP1    . DA  A 1 10 ? -19.048 2.482   3.033   1.00 1.07 ? 10 DA  A OP1    1 
ATOM   325 O OP2    . DA  A 1 10 ? -18.680 -0.012  3.489   1.00 0.77 ? 10 DA  A OP2    1 
ATOM   326 O "O5'"  . DA  A 1 10 ? -18.532 0.899   1.158   1.00 1.03 ? 10 DA  A "O5'"  1 
ATOM   327 C "C5'"  . DA  A 1 10 ? -18.469 1.960   0.199   1.00 0.70 ? 10 DA  A "C5'"  1 
ATOM   328 C "C4'"  . DA  A 1 10 ? -19.439 1.751   -0.964  1.00 0.76 ? 10 DA  A "C4'"  1 
ATOM   329 O "O4'"  . DA  A 1 10 ? -18.864 0.827   -1.918  1.00 0.70 ? 10 DA  A "O4'"  1 
ATOM   330 C "C3'"  . DA  A 1 10 ? -20.734 1.118   -0.484  1.00 0.92 ? 10 DA  A "C3'"  1 
ATOM   331 O "O3'"  . DA  A 1 10 ? -21.833 1.497   -1.318  1.00 1.05 ? 10 DA  A "O3'"  1 
ATOM   332 C "C2'"  . DA  A 1 10 ? -20.451 -0.350  -0.597  1.00 0.90 ? 10 DA  A "C2'"  1 
ATOM   333 C "C1'"  . DA  A 1 10 ? -19.550 -0.443  -1.820  1.00 0.78 ? 10 DA  A "C1'"  1 
ATOM   334 N N9     . DA  A 1 10 ? -18.585 -1.573  -1.772  1.00 0.69 ? 10 DA  A N9     1 
ATOM   335 C C8     . DA  A 1 10 ? -18.206 -2.392  -0.750  1.00 0.65 ? 10 DA  A C8     1 
ATOM   336 N N7     . DA  A 1 10 ? -17.361 -3.331  -1.021  1.00 0.59 ? 10 DA  A N7     1 
ATOM   337 C C5     . DA  A 1 10 ? -17.138 -3.127  -2.384  1.00 0.59 ? 10 DA  A C5     1 
ATOM   338 C C6     . DA  A 1 10 ? -16.333 -3.784  -3.322  1.00 0.56 ? 10 DA  A C6     1 
ATOM   339 N N6     . DA  A 1 10 ? -15.583 -4.843  -3.022  1.00 0.53 ? 10 DA  A N6     1 
ATOM   340 N N1     . DA  A 1 10 ? -16.346 -3.321  -4.582  1.00 0.60 ? 10 DA  A N1     1 
ATOM   341 C C2     . DA  A 1 10 ? -17.105 -2.275  -4.910  1.00 0.66 ? 10 DA  A C2     1 
ATOM   342 N N3     . DA  A 1 10 ? -17.904 -1.581  -4.106  1.00 0.69 ? 10 DA  A N3     1 
ATOM   343 C C4     . DA  A 1 10 ? -17.875 -2.063  -2.847  1.00 0.65 ? 10 DA  A C4     1 
ATOM   344 H "H5'"  . DA  A 1 10 ? -17.456 2.019   -0.194  1.00 0.65 ? 10 DA  A "H5'"  1 
ATOM   345 H "H5''" . DA  A 1 10 ? -18.714 2.899   0.698   1.00 0.87 ? 10 DA  A "H5''" 1 
ATOM   346 H "H4'"  . DA  A 1 10 ? -19.646 2.697   -1.458  1.00 0.79 ? 10 DA  A "H4'"  1 
ATOM   347 H "H3'"  . DA  A 1 10 ? -20.925 1.390   0.558   1.00 0.97 ? 10 DA  A "H3'"  1 
ATOM   348 H "HO3'" . DA  A 1 10 ? -21.609 1.243   -2.217  1.00 1.25 ? 10 DA  A "HO3'" 1 
ATOM   349 H "H2'"  . DA  A 1 10 ? -19.936 -0.693  0.293   1.00 0.87 ? 10 DA  A "H2'"  1 
ATOM   350 H "H2''" . DA  A 1 10 ? -21.372 -0.912  -0.750  1.00 1.02 ? 10 DA  A "H2''" 1 
ATOM   351 H "H1'"  . DA  A 1 10 ? -20.181 -0.556  -2.700  1.00 0.86 ? 10 DA  A "H1'"  1 
ATOM   352 H H8     . DA  A 1 10 ? -18.592 -2.267  0.257   1.00 0.68 ? 10 DA  A H8     1 
ATOM   353 H H61    . DA  A 1 10 ? -15.021 -5.284  -3.737  1.00 0.53 ? 10 DA  A H61    1 
ATOM   354 H H62    . DA  A 1 10 ? -15.576 -5.207  -2.080  1.00 0.52 ? 10 DA  A H62    1 
ATOM   355 H H2     . DA  A 1 10 ? -17.068 -1.954  -5.950  1.00 0.71 ? 10 DA  A H2     1 
ATOM   356 O "O5'"  . DT  B 2 1  ? -14.995 -7.485  -11.673 1.00 0.91 ? 11 DT  B "O5'"  1 
ATOM   357 C "C5'"  . DT  B 2 1  ? -16.054 -7.058  -12.535 1.00 0.97 ? 11 DT  B "C5'"  1 
ATOM   358 C "C4'"  . DT  B 2 1  ? -16.287 -5.550  -12.440 1.00 0.87 ? 11 DT  B "C4'"  1 
ATOM   359 O "O4'"  . DT  B 2 1  ? -16.619 -5.208  -11.075 1.00 0.82 ? 11 DT  B "O4'"  1 
ATOM   360 C "C3'"  . DT  B 2 1  ? -15.016 -4.789  -12.779 1.00 0.78 ? 11 DT  B "C3'"  1 
ATOM   361 O "O3'"  . DT  B 2 1  ? -15.297 -3.497  -13.340 1.00 0.74 ? 11 DT  B "O3'"  1 
ATOM   362 C "C2'"  . DT  B 2 1  ? -14.341 -4.658  -11.458 1.00 0.68 ? 11 DT  B "C2'"  1 
ATOM   363 C "C1'"  . DT  B 2 1  ? -15.497 -4.524  -10.481 1.00 0.69 ? 11 DT  B "C1'"  1 
ATOM   364 N N1     . DT  B 2 1  ? -15.181 -5.045  -9.126  1.00 0.65 ? 11 DT  B N1     1 
ATOM   365 C C2     . DT  B 2 1  ? -15.514 -4.235  -8.052  1.00 0.59 ? 11 DT  B C2     1 
ATOM   366 O O2     . DT  B 2 1  ? -16.038 -3.133  -8.197  1.00 0.59 ? 11 DT  B O2     1 
ATOM   367 N N3     . DT  B 2 1  ? -15.219 -4.735  -6.799  1.00 0.57 ? 11 DT  B N3     1 
ATOM   368 C C4     . DT  B 2 1  ? -14.628 -5.952  -6.523  1.00 0.60 ? 11 DT  B C4     1 
ATOM   369 O O4     . DT  B 2 1  ? -14.411 -6.290  -5.363  1.00 0.58 ? 11 DT  B O4     1 
ATOM   370 C C5     . DT  B 2 1  ? -14.314 -6.732  -7.699  1.00 0.68 ? 11 DT  B C5     1 
ATOM   371 C C7     . DT  B 2 1  ? -13.651 -8.097  -7.542  1.00 0.75 ? 11 DT  B C7     1 
ATOM   372 C C6     . DT  B 2 1  ? -14.593 -6.270  -8.937  1.00 0.70 ? 11 DT  B C6     1 
ATOM   373 H "H5'"  . DT  B 2 1  ? -16.968 -7.578  -12.257 1.00 1.04 ? 11 DT  B "H5'"  1 
ATOM   374 H "H5''" . DT  B 2 1  ? -15.798 -7.314  -13.565 1.00 1.03 ? 11 DT  B "H5''" 1 
ATOM   375 H "H4'"  . DT  B 2 1  ? -17.093 -5.241  -13.095 1.00 0.92 ? 11 DT  B "H4'"  1 
ATOM   376 H "H3'"  . DT  B 2 1  ? -14.397 -5.377  -13.461 1.00 0.83 ? 11 DT  B "H3'"  1 
ATOM   377 H "H2'"  . DT  B 2 1  ? -13.745 -5.539  -11.249 1.00 0.71 ? 11 DT  B "H2'"  1 
ATOM   378 H "H2''" . DT  B 2 1  ? -13.725 -3.772  -11.443 1.00 0.60 ? 11 DT  B "H2''" 1 
ATOM   379 H "H1'"  . DT  B 2 1  ? -15.754 -3.475  -10.406 1.00 0.64 ? 11 DT  B "H1'"  1 
ATOM   380 H H3     . DT  B 2 1  ? -15.473 -4.160  -6.008  1.00 0.54 ? 11 DT  B H3     1 
ATOM   381 H H71    . DT  B 2 1  ? -12.684 -8.092  -8.047  1.00 0.94 ? 11 DT  B H71    1 
ATOM   382 H H72    . DT  B 2 1  ? -14.287 -8.864  -7.982  1.00 1.26 ? 11 DT  B H72    1 
ATOM   383 H H73    . DT  B 2 1  ? -13.504 -8.310  -6.482  1.00 1.22 ? 11 DT  B H73    1 
ATOM   384 H H6     . DT  B 2 1  ? -14.352 -6.889  -9.796  1.00 0.77 ? 11 DT  B H6     1 
ATOM   385 H "HO5'" . DT  B 2 1  ? -14.183 -7.094  -12.003 1.00 0.86 ? 11 DT  B "HO5'" 1 
ATOM   386 P P      . DG  B 2 2  ? -14.136 -2.377  -13.469 1.00 0.64 ? 12 DG  B P      1 
ATOM   387 O OP1    . DG  B 2 2  ? -14.492 -1.470  -14.584 1.00 0.67 ? 12 DG  B OP1    1 
ATOM   388 O OP2    . DG  B 2 2  ? -12.825 -3.065  -13.474 1.00 0.64 ? 12 DG  B OP2    1 
ATOM   389 O "O5'"  . DG  B 2 2  ? -14.266 -1.551  -12.083 1.00 0.54 ? 12 DG  B "O5'"  1 
ATOM   390 C "C5'"  . DG  B 2 2  ? -15.161 -0.436  -12.002 1.00 0.56 ? 12 DG  B "C5'"  1 
ATOM   391 C "C4'"  . DG  B 2 2  ? -14.596 0.738   -11.201 1.00 0.48 ? 12 DG  B "C4'"  1 
ATOM   392 O "O4'"  . DG  B 2 2  ? -14.554 0.407   -9.792  1.00 0.43 ? 12 DG  B "O4'"  1 
ATOM   393 C "C3'"  . DG  B 2 2  ? -13.166 1.019   -11.614 1.00 0.44 ? 12 DG  B "C3'"  1 
ATOM   394 O "O3'"  . DG  B 2 2  ? -12.866 2.420   -11.462 1.00 0.46 ? 12 DG  B "O3'"  1 
ATOM   395 C "C2'"  . DG  B 2 2  ? -12.372 0.161   -10.683 1.00 0.39 ? 12 DG  B "C2'"  1 
ATOM   396 C "C1'"  . DG  B 2 2  ? -13.177 0.209   -9.403  1.00 0.36 ? 12 DG  B "C1'"  1 
ATOM   397 N N9     . DG  B 2 2  ? -13.004 -0.982  -8.524  1.00 0.33 ? 12 DG  B N9     1 
ATOM   398 C C8     . DG  B 2 2  ? -12.481 -2.219  -8.772  1.00 0.35 ? 12 DG  B C8     1 
ATOM   399 N N7     . DG  B 2 2  ? -12.435 -3.058  -7.794  1.00 0.35 ? 12 DG  B N7     1 
ATOM   400 C C5     . DG  B 2 2  ? -12.989 -2.317  -6.753  1.00 0.30 ? 12 DG  B C5     1 
ATOM   401 C C6     . DG  B 2 2  ? -13.216 -2.684  -5.400  1.00 0.29 ? 12 DG  B C6     1 
ATOM   402 O O6     . DG  B 2 2  ? -12.968 -3.754  -4.848  1.00 0.30 ? 12 DG  B O6     1 
ATOM   403 N N1     . DG  B 2 2  ? -13.792 -1.647  -4.681  1.00 0.30 ? 12 DG  B N1     1 
ATOM   404 C C2     . DG  B 2 2  ? -14.112 -0.404  -5.192  1.00 0.34 ? 12 DG  B C2     1 
ATOM   405 N N2     . DG  B 2 2  ? -14.655 0.464   -4.340  1.00 0.41 ? 12 DG  B N2     1 
ATOM   406 N N3     . DG  B 2 2  ? -13.902 -0.052  -6.463  1.00 0.34 ? 12 DG  B N3     1 
ATOM   407 C C4     . DG  B 2 2  ? -13.341 -1.047  -7.187  1.00 0.31 ? 12 DG  B C4     1 
ATOM   408 H "H5'"  . DG  B 2 2  ? -16.100 -0.764  -11.549 1.00 0.61 ? 12 DG  B "H5'"  1 
ATOM   409 H "H5''" . DG  B 2 2  ? -15.358 -0.086  -13.001 1.00 0.60 ? 12 DG  B "H5''" 1 
ATOM   410 H "H4'"  . DG  B 2 2  ? -15.199 1.627   -11.353 1.00 0.53 ? 12 DG  B "H4'"  1 
ATOM   411 H "H3'"  . DG  B 2 2  ? -13.004 0.706   -12.639 1.00 0.49 ? 12 DG  B "H3'"  1 
ATOM   412 H "H2'"  . DG  B 2 2  ? -12.320 -0.850  -11.069 1.00 0.41 ? 12 DG  B "H2'"  1 
ATOM   413 H "H2''" . DG  B 2 2  ? -11.382 0.571   -10.537 1.00 0.38 ? 12 DG  B "H2''" 1 
ATOM   414 H "H1'"  . DG  B 2 2  ? -12.864 1.092   -8.864  1.00 0.35 ? 12 DG  B "H1'"  1 
ATOM   415 H H8     . DG  B 2 2  ? -12.102 -2.493  -9.748  1.00 0.40 ? 12 DG  B H8     1 
ATOM   416 H H1     . DG  B 2 2  ? -13.983 -1.837  -3.707  1.00 0.31 ? 12 DG  B H1     1 
ATOM   417 H H21    . DG  B 2 2  ? -14.814 0.198   -3.380  1.00 0.43 ? 12 DG  B H21    1 
ATOM   418 H H22    . DG  B 2 2  ? -14.906 1.390   -4.656  1.00 0.47 ? 12 DG  B H22    1 
ATOM   419 P P      . DA  B 2 3  ? -11.357 2.976   -11.322 1.00 0.51 ? 13 DA  B P      1 
ATOM   420 O OP1    . DA  B 2 3  ? -11.221 4.164   -12.195 1.00 0.63 ? 13 DA  B OP1    1 
ATOM   421 O OP2    . DA  B 2 3  ? -10.411 1.846   -11.466 1.00 0.49 ? 13 DA  B OP2    1 
ATOM   422 O "O5'"  . DA  B 2 3  ? -11.322 3.473   -9.790  1.00 0.53 ? 13 DA  B "O5'"  1 
ATOM   423 C "C5'"  . DA  B 2 3  ? -12.312 4.390   -9.314  1.00 0.59 ? 13 DA  B "C5'"  1 
ATOM   424 C "C4'"  . DA  B 2 3  ? -11.958 4.961   -7.940  1.00 0.65 ? 13 DA  B "C4'"  1 
ATOM   425 O "O4'"  . DA  B 2 3  ? -11.888 3.884   -6.978  1.00 0.52 ? 13 DA  B "O4'"  1 
ATOM   426 C "C3'"  . DA  B 2 3  ? -10.580 5.601   -7.978  1.00 0.77 ? 13 DA  B "C3'"  1 
ATOM   427 O "O3'"  . DA  B 2 3  ? -10.476 6.687   -7.042  1.00 0.93 ? 13 DA  B "O3'"  1 
ATOM   428 C "C2'"  . DA  B 2 3  ? -9.677  4.466   -7.611  1.00 0.67 ? 13 DA  B "C2'"  1 
ATOM   429 C "C1'"  . DA  B 2 3  ? -10.511 3.661   -6.621  1.00 0.52 ? 13 DA  B "C1'"  1 
ATOM   430 N N9     . DA  B 2 3  ? -10.164 2.213   -6.602  1.00 0.38 ? 13 DA  B N9     1 
ATOM   431 C C8     . DA  B 2 3  ? -9.593  1.413   -7.552  1.00 0.38 ? 13 DA  B C8     1 
ATOM   432 N N7     . DA  B 2 3  ? -9.418  0.172   -7.256  1.00 0.33 ? 13 DA  B N7     1 
ATOM   433 C C5     . DA  B 2 3  ? -9.920  0.114   -5.959  1.00 0.25 ? 13 DA  B C5     1 
ATOM   434 C C6     . DA  B 2 3  ? -10.035 -0.931  -5.041  1.00 0.22 ? 13 DA  B C6     1 
ATOM   435 N N6     . DA  B 2 3  ? -9.641  -2.176  -5.306  1.00 0.31 ? 13 DA  B N6     1 
ATOM   436 N N1     . DA  B 2 3  ? -10.574 -0.645  -3.843  1.00 0.20 ? 13 DA  B N1     1 
ATOM   437 C C2     . DA  B 2 3  ? -10.980 0.596   -3.563  1.00 0.24 ? 13 DA  B C2     1 
ATOM   438 N N3     . DA  B 2 3  ? -10.920 1.658   -4.358  1.00 0.30 ? 13 DA  B N3     1 
ATOM   439 C C4     . DA  B 2 3  ? -10.374 1.348   -5.551  1.00 0.29 ? 13 DA  B C4     1 
ATOM   440 H "H5'"  . DA  B 2 3  ? -13.268 3.874   -9.245  1.00 0.55 ? 13 DA  B "H5'"  1 
ATOM   441 H "H5''" . DA  B 2 3  ? -12.403 5.213   -10.023 1.00 0.67 ? 13 DA  B "H5''" 1 
ATOM   442 H "H4'"  . DA  B 2 3  ? -12.693 5.683   -7.616  1.00 0.74 ? 13 DA  B "H4'"  1 
ATOM   443 H "H3'"  . DA  B 2 3  ? -10.359 5.950   -8.989  1.00 0.83 ? 13 DA  B "H3'"  1 
ATOM   444 H "H2'"  . DA  B 2 3  ? -9.441  3.874   -8.492  1.00 0.63 ? 13 DA  B "H2'"  1 
ATOM   445 H "H2''" . DA  B 2 3  ? -8.773  4.840   -7.152  1.00 0.77 ? 13 DA  B "H2''" 1 
ATOM   446 H "H1'"  . DA  B 2 3  ? -10.372 4.078   -5.625  1.00 0.56 ? 13 DA  B "H1'"  1 
ATOM   447 H H8     . DA  B 2 3  ? -9.275  1.801   -8.513  1.00 0.46 ? 13 DA  B H8     1 
ATOM   448 H H61    . DA  B 2 3  ? -9.744  -2.899  -4.609  1.00 0.34 ? 13 DA  B H61    1 
ATOM   449 H H62    . DA  B 2 3  ? -9.238  -2.395  -6.206  1.00 0.37 ? 13 DA  B H62    1 
ATOM   450 H H2     . DA  B 2 3  ? -11.408 0.754   -2.573  1.00 0.29 ? 13 DA  B H2     1 
ATOM   451 P P      . DA  B 2 4  ? -9.048  7.156   -6.436  1.00 1.10 ? 14 DA  B P      1 
ATOM   452 O OP1    . DA  B 2 4  ? -9.091  8.621   -6.234  1.00 1.37 ? 14 DA  B OP1    1 
ATOM   453 O OP2    . DA  B 2 4  ? -7.964  6.555   -7.246  1.00 1.43 ? 14 DA  B OP2    1 
ATOM   454 O "O5'"  . DA  B 2 4  ? -9.051  6.450   -4.988  1.00 0.69 ? 14 DA  B "O5'"  1 
ATOM   455 C "C5'"  . DA  B 2 4  ? -10.113 6.748   -4.085  1.00 0.63 ? 14 DA  B "C5'"  1 
ATOM   456 C "C4'"  . DA  B 2 4  ? -9.831  6.327   -2.646  1.00 0.59 ? 14 DA  B "C4'"  1 
ATOM   457 O "O4'"  . DA  B 2 4  ? -9.772  4.874   -2.580  1.00 0.56 ? 14 DA  B "O4'"  1 
ATOM   458 C "C3'"  . DA  B 2 4  ? -8.451  6.830   -2.191  1.00 0.58 ? 14 DA  B "C3'"  1 
ATOM   459 O "O3'"  . DA  B 2 4  ? -8.378  7.149   -0.791  1.00 0.63 ? 14 DA  B "O3'"  1 
ATOM   460 C "C2'"  . DA  B 2 4  ? -7.554  5.696   -2.495  1.00 0.53 ? 14 DA  B "C2'"  1 
ATOM   461 C "C1'"  . DA  B 2 4  ? -8.415  4.471   -2.323  1.00 0.52 ? 14 DA  B "C1'"  1 
ATOM   462 N N9     . DA  B 2 4  ? -7.930  3.357   -3.152  1.00 0.49 ? 14 DA  B N9     1 
ATOM   463 C C8     . DA  B 2 4  ? -7.450  3.353   -4.414  1.00 0.49 ? 14 DA  B C8     1 
ATOM   464 N N7     . DA  B 2 4  ? -7.022  2.228   -4.886  1.00 0.47 ? 14 DA  B N7     1 
ATOM   465 C C5     . DA  B 2 4  ? -7.227  1.372   -3.799  1.00 0.45 ? 14 DA  B C5     1 
ATOM   466 C C6     . DA  B 2 4  ? -6.977  0.011   -3.599  1.00 0.43 ? 14 DA  B C6     1 
ATOM   467 N N6     . DA  B 2 4  ? -6.455  -0.782  -4.535  1.00 0.43 ? 14 DA  B N6     1 
ATOM   468 N N1     . DA  B 2 4  ? -7.284  -0.503  -2.395  1.00 0.43 ? 14 DA  B N1     1 
ATOM   469 C C2     . DA  B 2 4  ? -7.819  0.266   -1.447  1.00 0.45 ? 14 DA  B C2     1 
ATOM   470 N N3     . DA  B 2 4  ? -8.105  1.558   -1.534  1.00 0.46 ? 14 DA  B N3     1 
ATOM   471 C C4     . DA  B 2 4  ? -7.780  2.055   -2.744  1.00 0.46 ? 14 DA  B C4     1 
ATOM   472 H "H5'"  . DA  B 2 4  ? -11.021 6.245   -4.424  1.00 1.17 ? 14 DA  B "H5'"  1 
ATOM   473 H "H5''" . DA  B 2 4  ? -10.286 7.825   -4.100  1.00 0.85 ? 14 DA  B "H5''" 1 
ATOM   474 H "H4'"  . DA  B 2 4  ? -10.605 6.678   -1.976  1.00 0.66 ? 14 DA  B "H4'"  1 
ATOM   475 H "H3'"  . DA  B 2 4  ? -8.139  7.701   -2.792  1.00 0.63 ? 14 DA  B "H3'"  1 
ATOM   476 H "H2'"  . DA  B 2 4  ? -7.122  5.767   -3.486  1.00 0.51 ? 14 DA  B "H2'"  1 
ATOM   477 H "H2''" . DA  B 2 4  ? -6.792  5.678   -1.773  1.00 0.56 ? 14 DA  B "H2''" 1 
ATOM   478 H "H1'"  . DA  B 2 4  ? -8.377  4.166   -1.292  1.00 0.57 ? 14 DA  B "H1'"  1 
ATOM   479 H H8     . DA  B 2 4  ? -7.337  4.279   -4.966  1.00 0.52 ? 14 DA  B H8     1 
ATOM   480 H H61    . DA  B 2 4  ? -6.294  -1.759  -4.337  1.00 0.42 ? 14 DA  B H61    1 
ATOM   481 H H62    . DA  B 2 4  ? -6.222  -0.404  -5.442  1.00 0.44 ? 14 DA  B H62    1 
ATOM   482 H H2     . DA  B 2 4  ? -8.045  -0.218  -0.498  1.00 0.45 ? 14 DA  B H2     1 
ATOM   483 P P      . DT  B 2 5  ? -6.930  7.377   -0.077  1.00 0.75 ? 15 DT  B P      1 
ATOM   484 O OP1    . DT  B 2 5  ? -7.064  8.495   0.884   1.00 0.88 ? 15 DT  B OP1    1 
ATOM   485 O OP2    . DT  B 2 5  ? -5.886  7.432   -1.126  1.00 0.88 ? 15 DT  B OP2    1 
ATOM   486 O "O5'"  . DT  B 2 5  ? -6.730  6.011   0.764   1.00 0.67 ? 15 DT  B "O5'"  1 
ATOM   487 C "C5'"  . DT  B 2 5  ? -7.725  5.690   1.722   1.00 0.66 ? 15 DT  B "C5'"  1 
ATOM   488 C "C4'"  . DT  B 2 5  ? -7.309  4.687   2.801   1.00 0.67 ? 15 DT  B "C4'"  1 
ATOM   489 O "O4'"  . DT  B 2 5  ? -6.884  3.456   2.174   1.00 0.62 ? 15 DT  B "O4'"  1 
ATOM   490 C "C3'"  . DT  B 2 5  ? -6.128  5.169   3.634   1.00 0.70 ? 15 DT  B "C3'"  1 
ATOM   491 O "O3'"  . DT  B 2 5  ? -6.173  4.643   4.970   1.00 0.76 ? 15 DT  B "O3'"  1 
ATOM   492 C "C2'"  . DT  B 2 5  ? -4.923  4.630   2.897   1.00 0.64 ? 15 DT  B "C2'"  1 
ATOM   493 C "C1'"  . DT  B 2 5  ? -5.443  3.334   2.270   1.00 0.60 ? 15 DT  B "C1'"  1 
ATOM   494 N N1     . DT  B 2 5  ? -4.837  3.011   0.946   1.00 0.54 ? 15 DT  B N1     1 
ATOM   495 C C2     . DT  B 2 5  ? -4.283  1.744   0.826   1.00 0.51 ? 15 DT  B C2     1 
ATOM   496 O O2     . DT  B 2 5  ? -4.290  0.936   1.752   1.00 0.54 ? 15 DT  B O2     1 
ATOM   497 N N3     . DT  B 2 5  ? -3.718  1.436   -0.395  1.00 0.48 ? 15 DT  B N3     1 
ATOM   498 C C4     . DT  B 2 5  ? -3.642  2.270   -1.491  1.00 0.48 ? 15 DT  B C4     1 
ATOM   499 O O4     . DT  B 2 5  ? -3.114  1.886   -2.531  1.00 0.47 ? 15 DT  B O4     1 
ATOM   500 C C5     . DT  B 2 5  ? -4.238  3.571   -1.279  1.00 0.51 ? 15 DT  B C5     1 
ATOM   501 C C7     . DT  B 2 5  ? -4.174  4.625   -2.370  1.00 0.53 ? 15 DT  B C7     1 
ATOM   502 C C6     . DT  B 2 5  ? -4.811  3.898   -0.114  1.00 0.54 ? 15 DT  B C6     1 
ATOM   503 H "H5'"  . DT  B 2 5  ? -8.586  5.282   1.203   1.00 0.74 ? 15 DT  B "H5'"  1 
ATOM   504 H "H5''" . DT  B 2 5  ? -8.010  6.609   2.193   1.00 0.75 ? 15 DT  B "H5''" 1 
ATOM   505 H "H4'"  . DT  B 2 5  ? -8.159  4.481   3.451   1.00 0.70 ? 15 DT  B "H4'"  1 
ATOM   506 H "H3'"  . DT  B 2 5  ? -6.132  6.278   3.658   1.00 0.74 ? 15 DT  B "H3'"  1 
ATOM   507 H "H2'"  . DT  B 2 5  ? -4.563  5.334   2.147   1.00 0.64 ? 15 DT  B "H2'"  1 
ATOM   508 H "H2''" . DT  B 2 5  ? -4.122  4.388   3.619   1.00 0.66 ? 15 DT  B "H2''" 1 
ATOM   509 H "H1'"  . DT  B 2 5  ? -5.221  2.520   2.955   1.00 0.61 ? 15 DT  B "H1'"  1 
ATOM   510 H H3     . DT  B 2 5  ? -3.342  0.504   -0.501  1.00 0.47 ? 15 DT  B H3     1 
ATOM   511 H H71    . DT  B 2 5  ? -5.179  4.828   -2.736  1.00 1.05 ? 15 DT  B H71    1 
ATOM   512 H H72    . DT  B 2 5  ? -3.551  4.268   -3.188  1.00 1.10 ? 15 DT  B H72    1 
ATOM   513 H H73    . DT  B 2 5  ? -3.746  5.542   -1.959  1.00 0.98 ? 15 DT  B H73    1 
ATOM   514 H H6     . DT  B 2 5  ? -5.315  4.860   -0.048  1.00 0.57 ? 15 DT  B H6     1 
ATOM   515 P P      . DC  B 2 6  ? -4.885  4.750   5.944   1.00 0.79 ? 16 DC  B P      1 
ATOM   516 O OP1    . DC  B 2 6  ? -5.328  4.454   7.326   1.00 0.88 ? 16 DC  B OP1    1 
ATOM   517 O OP2    . DC  B 2 6  ? -4.189  6.024   5.655   1.00 0.83 ? 16 DC  B OP2    1 
ATOM   518 O "O5'"  . DC  B 2 6  ? -3.941  3.534   5.442   1.00 0.70 ? 16 DC  B "O5'"  1 
ATOM   519 C "C5'"  . DC  B 2 6  ? -3.977  2.271   6.116   1.00 0.72 ? 16 DC  B "C5'"  1 
ATOM   520 C "C4'"  . DC  B 2 6  ? -2.581  1.660   6.353   1.00 0.71 ? 16 DC  B "C4'"  1 
ATOM   521 O "O4'"  . DC  B 2 6  ? -2.043  1.130   5.107   1.00 0.59 ? 16 DC  B "O4'"  1 
ATOM   522 C "C3'"  . DC  B 2 6  ? -1.564  2.712   6.814   1.00 0.79 ? 16 DC  B "C3'"  1 
ATOM   523 O "O3'"  . DC  B 2 6  ? -0.582  2.117   7.681   1.00 0.86 ? 16 DC  B "O3'"  1 
ATOM   524 C "C2'"  . DC  B 2 6  ? -0.941  3.202   5.530   1.00 0.68 ? 16 DC  B "C2'"  1 
ATOM   525 C "C1'"  . DC  B 2 6  ? -0.941  1.966   4.657   1.00 0.56 ? 16 DC  B "C1'"  1 
ATOM   526 N N1     . DC  B 2 6  ? -0.994  2.261   3.198   1.00 0.47 ? 16 DC  B N1     1 
ATOM   527 C C2     . DC  B 2 6  ? -0.556  1.254   2.352   1.00 0.42 ? 16 DC  B C2     1 
ATOM   528 O O2     . DC  B 2 6  ? -0.198  0.168   2.810   1.00 0.44 ? 16 DC  B O2     1 
ATOM   529 N N3     . DC  B 2 6  ? -0.523  1.499   1.019   1.00 0.46 ? 16 DC  B N3     1 
ATOM   530 C C4     . DC  B 2 6  ? -0.910  2.677   0.519   1.00 0.54 ? 16 DC  B C4     1 
ATOM   531 N N4     . DC  B 2 6  ? -0.858  2.877   -0.796  1.00 0.66 ? 16 DC  B N4     1 
ATOM   532 C C5     . DC  B 2 6  ? -1.364  3.720   1.378   1.00 0.59 ? 16 DC  B C5     1 
ATOM   533 C C6     . DC  B 2 6  ? -1.389  3.476   2.703   1.00 0.56 ? 16 DC  B C6     1 
ATOM   534 H "H5'"  . DC  B 2 6  ? -4.577  1.562   5.534   1.00 0.68 ? 16 DC  B "H5'"  1 
ATOM   535 H "H5''" . DC  B 2 6  ? -4.466  2.407   7.082   1.00 0.79 ? 16 DC  B "H5''" 1 
ATOM   536 H "H4'"  . DC  B 2 6  ? -2.646  0.860   7.088   1.00 0.79 ? 16 DC  B "H4'"  1 
ATOM   537 H "H3'"  . DC  B 2 6  ? -2.078  3.532   7.321   1.00 0.87 ? 16 DC  B "H3'"  1 
ATOM   538 H "H2'"  . DC  B 2 6  ? -1.527  3.996   5.089   1.00 0.69 ? 16 DC  B "H2'"  1 
ATOM   539 H "H2''" . DC  B 2 6  ? 0.080   3.542   5.701   1.00 0.71 ? 16 DC  B "H2''" 1 
ATOM   540 H "H1'"  . DC  B 2 6  ? -0.020  1.425   4.857   1.00 0.58 ? 16 DC  B "H1'"  1 
ATOM   541 H H41    . DC  B 2 6  ? -0.526  2.141   -1.404  1.00 0.69 ? 16 DC  B H41    1 
ATOM   542 H H42    . DC  B 2 6  ? -1.142  3.765   -1.184  1.00 0.75 ? 16 DC  B H42    1 
ATOM   543 H H5     . DC  B 2 6  ? -1.662  4.688   0.980   1.00 0.70 ? 16 DC  B H5     1 
ATOM   544 H H6     . DC  B 2 6  ? -1.689  4.265   3.378   1.00 0.66 ? 16 DC  B H6     1 
ATOM   545 P P      . DA  B 2 7  ? 0.737   2.919   8.172   1.00 0.92 ? 17 DA  B P      1 
ATOM   546 O OP1    . DA  B 2 7  ? 0.557   3.274   9.598   1.00 1.25 ? 17 DA  B OP1    1 
ATOM   547 O OP2    . DA  B 2 7  ? 1.050   3.977   7.184   1.00 0.86 ? 17 DA  B OP2    1 
ATOM   548 O "O5'"  . DA  B 2 7  ? 1.882   1.787   8.076   1.00 0.80 ? 17 DA  B "O5'"  1 
ATOM   549 C "C5'"  . DA  B 2 7  ? 1.538   0.414   8.279   1.00 0.85 ? 17 DA  B "C5'"  1 
ATOM   550 C "C4'"  . DA  B 2 7  ? 2.760   -0.516  8.231   1.00 0.86 ? 17 DA  B "C4'"  1 
ATOM   551 O "O4'"  . DA  B 2 7  ? 3.417   -0.407  6.944   1.00 0.73 ? 17 DA  B "O4'"  1 
ATOM   552 C "C3'"  . DA  B 2 7  ? 3.775   -0.082  9.265   1.00 0.89 ? 17 DA  B "C3'"  1 
ATOM   553 O "O3'"  . DA  B 2 7  ? 4.518   -1.214  9.760   1.00 1.00 ? 17 DA  B "O3'"  1 
ATOM   554 C "C2'"  . DA  B 2 7  ? 4.631   0.874   8.515   1.00 0.74 ? 17 DA  B "C2'"  1 
ATOM   555 C "C1'"  . DA  B 2 7  ? 4.660   0.308   7.114   1.00 0.67 ? 17 DA  B "C1'"  1 
ATOM   556 N N9     . DA  B 2 7  ? 4.849   1.354   6.082   1.00 0.56 ? 17 DA  B N9     1 
ATOM   557 C C8     . DA  B 2 7  ? 4.334   2.607   6.008   1.00 0.54 ? 17 DA  B C8     1 
ATOM   558 N N7     . DA  B 2 7  ? 4.674   3.338   4.995   1.00 0.50 ? 17 DA  B N7     1 
ATOM   559 C C5     . DA  B 2 7  ? 5.523   2.474   4.293   1.00 0.49 ? 17 DA  B C5     1 
ATOM   560 C C6     . DA  B 2 7  ? 6.243   2.608   3.093   1.00 0.55 ? 17 DA  B C6     1 
ATOM   561 N N6     . DA  B 2 7  ? 6.236   3.717   2.348   1.00 0.61 ? 17 DA  B N6     1 
ATOM   562 N N1     . DA  B 2 7  ? 6.965   1.550   2.689   1.00 0.63 ? 17 DA  B N1     1 
ATOM   563 C C2     . DA  B 2 7  ? 7.002   0.432   3.411   1.00 0.64 ? 17 DA  B C2     1 
ATOM   564 N N3     . DA  B 2 7  ? 6.364   0.195   4.557   1.00 0.60 ? 17 DA  B N3     1 
ATOM   565 C C4     . DA  B 2 7  ? 5.634   1.264   4.946   1.00 0.53 ? 17 DA  B C4     1 
ATOM   566 H "H5'"  . DA  B 2 7  ? 0.824   0.122   7.501   1.00 0.79 ? 17 DA  B "H5'"  1 
ATOM   567 H "H5''" . DA  B 2 7  ? 1.065   0.317   9.262   1.00 0.99 ? 17 DA  B "H5''" 1 
ATOM   568 H "H4'"  . DA  B 2 7  ? 2.482   -1.555  8.404   1.00 0.96 ? 17 DA  B "H4'"  1 
ATOM   569 H "H3'"  . DA  B 2 7  ? 3.286   0.437   10.085  1.00 0.97 ? 17 DA  B "H3'"  1 
ATOM   570 H "H2'"  . DA  B 2 7  ? 4.195   1.864   8.518   1.00 0.72 ? 17 DA  B "H2'"  1 
ATOM   571 H "H2''" . DA  B 2 7  ? 5.605   0.896   8.941   1.00 0.74 ? 17 DA  B "H2''" 1 
ATOM   572 H "H1'"  . DA  B 2 7  ? 5.470   -0.407  7.061   1.00 0.72 ? 17 DA  B "H1'"  1 
ATOM   573 H H8     . DA  B 2 7  ? 3.642   2.976   6.767   1.00 0.62 ? 17 DA  B H8     1 
ATOM   574 H H61    . DA  B 2 7  ? 6.777   3.756   1.495   1.00 0.69 ? 17 DA  B H61    1 
ATOM   575 H H62    . DA  B 2 7  ? 5.694   4.517   2.639   1.00 0.60 ? 17 DA  B H62    1 
ATOM   576 H H2     . DA  B 2 7  ? 7.658   -0.362  3.039   1.00 0.74 ? 17 DA  B H2     1 
ATOM   577 P P      . DT  B 2 8  ? 6.023   -1.074  10.333  1.00 0.92 ? 18 DT  B P      1 
ATOM   578 O OP1    . DT  B 2 8  ? 6.252   -2.167  11.304  1.00 1.04 ? 18 DT  B OP1    1 
ATOM   579 O OP2    . DT  B 2 8  ? 6.246   0.332   10.741  1.00 0.85 ? 18 DT  B OP2    1 
ATOM   580 O "O5'"  . DT  B 2 8  ? 6.916   -1.369  9.024   1.00 0.82 ? 18 DT  B "O5'"  1 
ATOM   581 C "C5'"  . DT  B 2 8  ? 6.745   -2.594  8.303   1.00 0.93 ? 18 DT  B "C5'"  1 
ATOM   582 C "C4'"  . DT  B 2 8  ? 8.038   -3.101  7.698   1.00 0.93 ? 18 DT  B "C4'"  1 
ATOM   583 O "O4'"  . DT  B 2 8  ? 8.474   -2.198  6.665   1.00 0.83 ? 18 DT  B "O4'"  1 
ATOM   584 C "C3'"  . DT  B 2 8  ? 9.119   -3.119  8.760   1.00 0.92 ? 18 DT  B "C3'"  1 
ATOM   585 O "O3'"  . DT  B 2 8  ? 10.061  -4.165  8.482   1.00 1.04 ? 18 DT  B "O3'"  1 
ATOM   586 C "C2'"  . DT  B 2 8  ? 9.736   -1.737  8.630   1.00 0.79 ? 18 DT  B "C2'"  1 
ATOM   587 C "C1'"  . DT  B 2 8  ? 9.635   -1.492  7.124   1.00 0.76 ? 18 DT  B "C1'"  1 
ATOM   588 N N1     . DT  B 2 8  ? 9.602   -0.057  6.720   1.00 0.65 ? 18 DT  B N1     1 
ATOM   589 C C2     . DT  B 2 8  ? 10.400  0.299   5.646   1.00 0.65 ? 18 DT  B C2     1 
ATOM   590 O O2     . DT  B 2 8  ? 11.143  -0.504  5.086   1.00 0.76 ? 18 DT  B O2     1 
ATOM   591 N N3     . DT  B 2 8  ? 10.321  1.614   5.234   1.00 0.60 ? 18 DT  B N3     1 
ATOM   592 C C4     . DT  B 2 8  ? 9.536   2.601   5.795   1.00 0.54 ? 18 DT  B C4     1 
ATOM   593 O O4     . DT  B 2 8  ? 9.556   3.744   5.348   1.00 0.55 ? 18 DT  B O4     1 
ATOM   594 C C5     . DT  B 2 8  ? 8.740   2.153   6.912   1.00 0.59 ? 18 DT  B C5     1 
ATOM   595 C C7     . DT  B 2 8  ? 7.835   3.159   7.629   1.00 0.67 ? 18 DT  B C7     1 
ATOM   596 C C6     . DT  B 2 8  ? 8.788   0.869   7.334   1.00 0.64 ? 18 DT  B C6     1 
ATOM   597 H "H5'"  . DT  B 2 8  ? 6.026   -2.442  7.513   1.00 0.93 ? 18 DT  B "H5'"  1 
ATOM   598 H "H5''" . DT  B 2 8  ? 6.367   -3.348  8.978   1.00 1.05 ? 18 DT  B "H5''" 1 
ATOM   599 H "H4'"  . DT  B 2 8  ? 7.913   -4.091  7.281   1.00 1.03 ? 18 DT  B "H4'"  1 
ATOM   600 H "H3'"  . DT  B 2 8  ? 8.649   -3.267  9.745   1.00 0.96 ? 18 DT  B "H3'"  1 
ATOM   601 H "H2'"  . DT  B 2 8  ? 9.147   -1.005  9.187   1.00 0.76 ? 18 DT  B "H2'"  1 
ATOM   602 H "H2''" . DT  B 2 8  ? 10.790  -1.721  8.967   1.00 0.81 ? 18 DT  B "H2''" 1 
ATOM   603 H "H1'"  . DT  B 2 8  ? 10.482  -1.974  6.652   1.00 0.80 ? 18 DT  B "H1'"  1 
ATOM   604 H H3     . DT  B 2 8  ? 10.866  1.870   4.426   1.00 0.66 ? 18 DT  B H3     1 
ATOM   605 H H71    . DT  B 2 8  ? 7.913   4.132   7.141   1.00 0.97 ? 18 DT  B H71    1 
ATOM   606 H H72    . DT  B 2 8  ? 8.146   3.252   8.669   1.00 1.14 ? 18 DT  B H72    1 
ATOM   607 H H73    . DT  B 2 8  ? 6.802   2.817   7.588   1.00 1.25 ? 18 DT  B H73    1 
ATOM   608 H H6     . DT  B 2 8  ? 8.164   0.562   8.159   1.00 0.73 ? 18 DT  B H6     1 
ATOM   609 P P      . DA  B 2 9  ? 11.458  -4.303  9.274   1.00 0.89 ? 19 DA  B P      1 
ATOM   610 O OP1    . DA  B 2 9  ? 11.483  -5.624  9.942   1.00 1.76 ? 19 DA  B OP1    1 
ATOM   611 O OP2    . DA  B 2 9  ? 11.680  -3.073  10.068  1.00 1.29 ? 19 DA  B OP2    1 
ATOM   612 O "O5'"  . DA  B 2 9  ? 12.526  -4.329  8.071   1.00 1.03 ? 19 DA  B "O5'"  1 
ATOM   613 C "C5'"  . DA  B 2 9  ? 12.372  -5.238  6.972   1.00 1.01 ? 19 DA  B "C5'"  1 
ATOM   614 C "C4'"  . DA  B 2 9  ? 13.523  -5.117  5.975   1.00 0.98 ? 19 DA  B "C4'"  1 
ATOM   615 O "O4'"  . DA  B 2 9  ? 13.576  -3.763  5.468   1.00 0.76 ? 19 DA  B "O4'"  1 
ATOM   616 C "C3'"  . DA  B 2 9  ? 14.839  -5.375  6.673   1.00 1.10 ? 19 DA  B "C3'"  1 
ATOM   617 O "O3'"  . DA  B 2 9  ? 15.811  -5.931  5.772   1.00 1.21 ? 19 DA  B "O3'"  1 
ATOM   618 C "C2'"  . DA  B 2 9  ? 15.228  -4.018  7.139   1.00 0.97 ? 19 DA  B "C2'"  1 
ATOM   619 C "C1'"  . DA  B 2 9  ? 14.723  -3.107  6.035   1.00 0.75 ? 19 DA  B "C1'"  1 
ATOM   620 N N9     . DA  B 2 9  ? 14.414  -1.736  6.512   1.00 0.61 ? 19 DA  B N9     1 
ATOM   621 C C8     . DA  B 2 9  ? 14.039  -1.300  7.741   1.00 0.62 ? 19 DA  B C8     1 
ATOM   622 N N7     . DA  B 2 9  ? 13.792  -0.043  7.884   1.00 0.56 ? 19 DA  B N7     1 
ATOM   623 C C5     . DA  B 2 9  ? 14.036  0.440   6.599   1.00 0.49 ? 19 DA  B C5     1 
ATOM   624 C C6     . DA  B 2 9  ? 13.966  1.722   6.046   1.00 0.47 ? 19 DA  B C6     1 
ATOM   625 N N6     . DA  B 2 9  ? 13.600  2.797   6.746   1.00 0.56 ? 19 DA  B N6     1 
ATOM   626 N N1     . DA  B 2 9  ? 14.281  1.852   4.747   1.00 0.44 ? 19 DA  B N1     1 
ATOM   627 C C2     . DA  B 2 9  ? 14.641  0.784   4.029   1.00 0.43 ? 19 DA  B C2     1 
ATOM   628 N N3     . DA  B 2 9  ? 14.736  -0.474  4.450   1.00 0.49 ? 19 DA  B N3     1 
ATOM   629 C C4     . DA  B 2 9  ? 14.418  -0.579  5.756   1.00 0.51 ? 19 DA  B C4     1 
ATOM   630 H "H5'"  . DA  B 2 9  ? 11.434  -5.023  6.461   1.00 0.89 ? 19 DA  B "H5'"  1 
ATOM   631 H "H5''" . DA  B 2 9  ? 12.340  -6.259  7.358   1.00 1.28 ? 19 DA  B "H5''" 1 
ATOM   632 H "H4'"  . DA  B 2 9  ? 13.413  -5.801  5.161   1.00 1.06 ? 19 DA  B "H4'"  1 
ATOM   633 H "H3'"  . DA  B 2 9  ? 14.680  -6.039  7.521   1.00 1.23 ? 19 DA  B "H3'"  1 
ATOM   634 H "H2'"  . DA  B 2 9  ? 14.721  -3.808  8.076   1.00 0.96 ? 19 DA  B "H2'"  1 
ATOM   635 H "H2''" . DA  B 2 9  ? 16.301  -3.935  7.249   1.00 1.06 ? 19 DA  B "H2''" 1 
ATOM   636 H "H1'"  . DA  B 2 9  ? 15.476  -3.062  5.263   1.00 0.77 ? 19 DA  B "H1'"  1 
ATOM   637 H H8     . DA  B 2 9  ? 13.989  -1.975  8.582   1.00 0.70 ? 19 DA  B H8     1 
ATOM   638 H H61    . DA  B 2 9  ? 13.562  3.701   6.299   1.00 0.61 ? 19 DA  B H61    1 
ATOM   639 H H62    . DA  B 2 9  ? 13.358  2.705   7.722   1.00 0.61 ? 19 DA  B H62    1 
ATOM   640 H H2     . DA  B 2 9  ? 14.885  0.964   2.982   1.00 0.45 ? 19 DA  B H2     1 
ATOM   641 P P      . DG  B 2 10 ? 17.392  -5.894  6.110   1.00 1.32 ? 20 DG  B P      1 
ATOM   642 O OP1    . DG  B 2 10 ? 18.017  -7.104  5.531   1.00 1.52 ? 20 DG  B OP1    1 
ATOM   643 O OP2    . DG  B 2 10 ? 17.560  -5.597  7.551   1.00 1.36 ? 20 DG  B OP2    1 
ATOM   644 O "O5'"  . DG  B 2 10 ? 17.896  -4.614  5.269   1.00 1.15 ? 20 DG  B "O5'"  1 
ATOM   645 C "C5'"  . DG  B 2 10 ? 17.856  -4.645  3.840   1.00 1.12 ? 20 DG  B "C5'"  1 
ATOM   646 C "C4'"  . DG  B 2 10 ? 18.947  -3.784  3.201   1.00 1.12 ? 20 DG  B "C4'"  1 
ATOM   647 O "O4'"  . DG  B 2 10 ? 18.621  -2.389  3.370   1.00 1.00 ? 20 DG  B "O4'"  1 
ATOM   648 C "C3'"  . DG  B 2 10 ? 20.282  -3.995  3.892   1.00 1.25 ? 20 DG  B "C3'"  1 
ATOM   649 O "O3'"  . DG  B 2 10 ? 21.369  -3.770  2.988   1.00 1.31 ? 20 DG  B "O3'"  1 
ATOM   650 C "C2'"  . DG  B 2 10 ? 20.264  -2.967  4.976   1.00 1.21 ? 20 DG  B "C2'"  1 
ATOM   651 C "C1'"  . DG  B 2 10 ? 19.505  -1.817  4.355   1.00 1.06 ? 20 DG  B "C1'"  1 
ATOM   652 N N9     . DG  B 2 10 ? 18.759  -0.999  5.340   1.00 1.01 ? 20 DG  B N9     1 
ATOM   653 C C8     . DG  B 2 10 ? 18.283  -1.309  6.574   1.00 1.03 ? 20 DG  B C8     1 
ATOM   654 N N7     . DG  B 2 10 ? 17.654  -0.387  7.222   1.00 1.00 ? 20 DG  B N7     1 
ATOM   655 C C5     . DG  B 2 10 ? 17.708  0.680   6.324   1.00 0.94 ? 20 DG  B C5     1 
ATOM   656 C C6     . DG  B 2 10 ? 17.192  1.996   6.446   1.00 0.91 ? 20 DG  B C6     1 
ATOM   657 O O6     . DG  B 2 10 ? 16.578  2.490   7.388   1.00 0.93 ? 20 DG  B O6     1 
ATOM   658 N N1     . DG  B 2 10 ? 17.462  2.756   5.316   1.00 0.88 ? 20 DG  B N1     1 
ATOM   659 C C2     . DG  B 2 10 ? 18.143  2.311   4.202   1.00 0.87 ? 20 DG  B C2     1 
ATOM   660 N N2     . DG  B 2 10 ? 18.302  3.190   3.213   1.00 0.84 ? 20 DG  B N2     1 
ATOM   661 N N3     . DG  B 2 10 ? 18.632  1.075   4.080   1.00 0.91 ? 20 DG  B N3     1 
ATOM   662 C C4     . DG  B 2 10 ? 18.381  0.314   5.171   1.00 0.94 ? 20 DG  B C4     1 
ATOM   663 H "H5'"  . DG  B 2 10 ? 16.882  -4.286  3.508   1.00 1.02 ? 20 DG  B "H5'"  1 
ATOM   664 H "H5''" . DG  B 2 10 ? 17.985  -5.673  3.511   1.00 1.22 ? 20 DG  B "H5''" 1 
ATOM   665 H "H4'"  . DG  B 2 10 ? 19.039  -4.001  2.146   1.00 1.13 ? 20 DG  B "H4'"  1 
ATOM   666 H "H3'"  . DG  B 2 10 ? 20.339  -4.998  4.318   1.00 1.34 ? 20 DG  B "H3'"  1 
ATOM   667 H "HO3'" . DG  B 2 10 ? 21.272  -2.878  2.644   1.00 1.75 ? 20 DG  B "HO3'" 1 
ATOM   668 H "H2'"  . DG  B 2 10 ? 19.736  -3.327  5.829   1.00 1.21 ? 20 DG  B "H2'"  1 
ATOM   669 H "H2''" . DG  B 2 10 ? 21.276  -2.679  5.253   1.00 1.30 ? 20 DG  B "H2''" 1 
ATOM   670 H "H1'"  . DG  B 2 10 ? 20.210  -1.202  3.844   1.00 1.08 ? 20 DG  B "H1'"  1 
ATOM   671 H H8     . DG  B 2 10 ? 18.421  -2.298  7.003   1.00 1.10 ? 20 DG  B H8     1 
ATOM   672 H H1     . DG  B 2 10 ? 17.126  3.709   5.334   1.00 0.87 ? 20 DG  B H1     1 
ATOM   673 H H21    . DG  B 2 10 ? 17.934  4.126   3.303   1.00 0.84 ? 20 DG  B H21    1 
ATOM   674 H H22    . DG  B 2 10 ? 18.789  2.920   2.369   1.00 0.85 ? 20 DG  B H22    1 
# 
